data_6JKA
#
_entry.id   6JKA
#
_cell.length_a   48.477
_cell.length_b   77.764
_cell.length_c   261.527
_cell.angle_alpha   90.000
_cell.angle_beta   90.000
_cell.angle_gamma   90.000
#
_symmetry.space_group_name_H-M   'P 21 21 21'
#
loop_
_entity.id
_entity.type
_entity.pdbx_description
1 polymer 'Metallo-beta-lactamase type 2'
2 non-polymer 'ZINC ION'
3 non-polymer 6-[2-(phenoxymethyl)-1,3-thiazol-4-yl]-3,4-dihydro-1H-quinolin-2-one
4 non-polymer '3-[2-azanyl-5-[2-(phenoxymethyl)-1,3-thiazol-4-yl]phenyl]propanoic acid'
5 water water
#
_entity_poly.entity_id   1
_entity_poly.type   'polypeptide(L)'
_entity_poly.pdbx_seq_one_letter_code
;GPGVGESLPDLKIEKLDEGVYVHTSFEEVNGWGVVPKHGLVVLVNAEAYLIDTPFTAKDTEKLVTWFVERGYKIKGSISS
HFHSDSTGGIEWLNSRSIPTYASELTNELLKKDGKVQATNSFSGVNYWLVKNKIEVFYPGPGHTPDNVVVWLPERKILFG
GCFIKPYGLGNLGDANIEAWPKSAKLLKSKYGKAKLVVPSHSEVGDASLLKLTLEQAVKGLNESKKPS
;
_entity_poly.pdbx_strand_id   A,B,C,D
#
# COMPACT_ATOMS: atom_id res chain seq x y z
N GLY A 1 -5.00 -23.38 -17.49
CA GLY A 1 -6.34 -23.87 -17.27
C GLY A 1 -6.41 -24.05 -15.79
N PRO A 2 -7.62 -24.31 -15.30
CA PRO A 2 -7.84 -24.51 -13.86
C PRO A 2 -7.15 -25.76 -13.34
N GLY A 3 -6.83 -26.70 -14.24
CA GLY A 3 -6.32 -27.99 -13.85
C GLY A 3 -4.82 -28.01 -13.60
N VAL A 4 -4.32 -29.05 -12.92
CA VAL A 4 -2.88 -29.20 -12.73
C VAL A 4 -2.27 -29.78 -14.00
N GLY A 5 -1.22 -29.13 -14.52
CA GLY A 5 -0.48 -29.69 -15.63
C GLY A 5 0.49 -30.77 -15.17
N GLU A 6 -0.01 -32.01 -15.17
CA GLU A 6 0.68 -33.15 -14.58
C GLU A 6 2.03 -33.46 -15.19
N SER A 7 2.31 -33.01 -16.37
CA SER A 7 3.68 -33.32 -16.73
C SER A 7 4.57 -32.09 -16.86
N LEU A 8 4.25 -30.97 -16.19
CA LEU A 8 5.21 -29.86 -16.17
C LEU A 8 6.43 -30.23 -15.32
N PRO A 9 7.58 -29.63 -15.62
CA PRO A 9 8.72 -29.79 -14.71
C PRO A 9 8.39 -29.22 -13.36
N ASP A 10 9.12 -29.72 -12.38
CA ASP A 10 8.93 -29.28 -11.02
C ASP A 10 9.59 -27.95 -10.80
N LEU A 11 9.21 -27.30 -9.72
CA LEU A 11 9.89 -26.10 -9.26
C LEU A 11 11.41 -26.30 -9.21
N LYS A 12 12.15 -25.35 -9.76
CA LYS A 12 13.60 -25.37 -9.70
C LYS A 12 14.10 -24.28 -8.77
N ILE A 13 15.15 -24.58 -8.01
CA ILE A 13 15.84 -23.61 -7.17
C ILE A 13 17.33 -23.72 -7.42
N GLU A 14 17.97 -22.60 -7.72
CA GLU A 14 19.36 -22.56 -8.13
C GLU A 14 20.03 -21.32 -7.57
N LYS A 15 21.25 -21.48 -7.10
CA LYS A 15 21.96 -20.36 -6.52
C LYS A 15 22.50 -19.51 -7.67
N LEU A 16 22.21 -18.22 -7.63
CA LEU A 16 22.69 -17.30 -8.65
C LEU A 16 23.93 -16.56 -8.19
N ASP A 17 23.96 -16.17 -6.94
CA ASP A 17 25.04 -15.33 -6.45
C ASP A 17 25.00 -15.46 -4.95
N GLU A 18 25.90 -14.71 -4.31
CA GLU A 18 26.02 -14.94 -2.88
C GLU A 18 24.74 -14.74 -2.14
N GLY A 19 24.00 -13.66 -2.23
CA GLY A 19 22.89 -13.89 -1.36
C GLY A 19 21.59 -14.39 -1.99
N VAL A 20 21.66 -14.97 -3.18
CA VAL A 20 20.57 -14.82 -4.13
C VAL A 20 20.31 -16.13 -4.84
N TYR A 21 19.06 -16.58 -4.83
CA TYR A 21 18.69 -17.76 -5.60
C TYR A 21 17.69 -17.38 -6.68
N VAL A 22 17.71 -18.12 -7.78
CA VAL A 22 16.63 -18.03 -8.77
C VAL A 22 15.68 -19.18 -8.55
N HIS A 23 14.39 -18.90 -8.46
CA HIS A 23 13.39 -19.96 -8.53
C HIS A 23 12.70 -19.95 -9.88
N THR A 24 12.49 -21.14 -10.45
CA THR A 24 11.81 -21.25 -11.72
C THR A 24 10.62 -22.16 -11.58
N SER A 25 9.47 -21.66 -11.98
CA SER A 25 8.26 -22.47 -12.03
C SER A 25 7.76 -22.45 -13.46
N PHE A 26 6.89 -23.40 -13.75
CA PHE A 26 6.46 -23.68 -15.13
C PHE A 26 4.96 -23.83 -15.21
N GLU A 27 4.39 -23.31 -16.29
CA GLU A 27 2.96 -23.44 -16.52
C GLU A 27 2.67 -23.68 -18.00
N GLU A 28 1.60 -24.43 -18.28
CA GLU A 28 1.06 -24.55 -19.63
C GLU A 28 0.21 -23.32 -19.92
N VAL A 29 0.56 -22.57 -20.97
CA VAL A 29 -0.13 -21.34 -21.33
C VAL A 29 -0.59 -21.39 -22.78
N ASN A 30 -1.86 -21.09 -23.00
CA ASN A 30 -2.43 -21.27 -24.32
C ASN A 30 -1.73 -20.40 -25.33
N GLY A 31 -1.39 -21.03 -26.44
CA GLY A 31 -0.69 -20.33 -27.48
C GLY A 31 0.81 -20.38 -27.42
N TRP A 32 1.40 -20.42 -26.22
CA TRP A 32 2.84 -20.47 -26.02
C TRP A 32 3.12 -21.88 -25.59
N GLY A 33 4.33 -22.37 -25.54
CA GLY A 33 4.15 -23.68 -24.93
C GLY A 33 3.95 -23.77 -23.42
N VAL A 34 4.77 -24.65 -22.87
CA VAL A 34 5.23 -24.49 -21.51
C VAL A 34 5.99 -23.17 -21.39
N VAL A 35 5.64 -22.37 -20.36
CA VAL A 35 6.28 -21.09 -20.10
C VAL A 35 7.04 -21.16 -18.78
N PRO A 36 8.34 -20.86 -18.77
CA PRO A 36 9.11 -20.76 -17.52
C PRO A 36 8.91 -19.40 -16.88
N LYS A 37 8.98 -19.34 -15.56
CA LYS A 37 8.91 -18.04 -14.89
C LYS A 37 9.98 -18.01 -13.81
N HIS A 38 10.92 -17.07 -13.94
CA HIS A 38 11.95 -16.90 -12.93
C HIS A 38 11.52 -15.85 -11.90
N GLY A 39 11.77 -16.14 -10.64
CA GLY A 39 11.81 -15.12 -9.61
C GLY A 39 13.07 -15.33 -8.79
N LEU A 40 13.22 -14.58 -7.69
CA LEU A 40 14.37 -14.70 -6.81
C LEU A 40 13.93 -14.97 -5.38
N VAL A 41 14.85 -15.55 -4.62
CA VAL A 41 14.85 -15.48 -3.17
C VAL A 41 16.13 -14.78 -2.78
N VAL A 42 16.01 -13.70 -2.02
CA VAL A 42 17.17 -12.95 -1.57
C VAL A 42 17.24 -13.10 -0.05
N LEU A 43 18.39 -13.55 0.44
CA LEU A 43 18.61 -13.74 1.87
C LEU A 43 19.20 -12.49 2.48
N VAL A 44 18.62 -12.06 3.60
CA VAL A 44 19.09 -10.91 4.35
C VAL A 44 19.05 -11.35 5.81
N ASN A 45 20.19 -11.36 6.50
CA ASN A 45 20.20 -11.85 7.87
C ASN A 45 19.78 -13.32 7.91
N ALA A 46 20.06 -14.07 6.84
CA ALA A 46 19.61 -15.46 6.70
C ALA A 46 18.09 -15.59 6.89
N GLU A 47 17.35 -14.58 6.42
CA GLU A 47 15.91 -14.63 6.27
C GLU A 47 15.57 -14.38 4.81
N ALA A 48 14.51 -15.02 4.31
CA ALA A 48 14.30 -15.05 2.87
C ALA A 48 13.28 -14.00 2.42
N TYR A 49 13.61 -13.27 1.37
CA TYR A 49 12.64 -12.43 0.68
C TYR A 49 12.36 -13.02 -0.70
N LEU A 50 11.09 -13.30 -0.98
CA LEU A 50 10.70 -13.78 -2.29
C LEU A 50 10.54 -12.62 -3.24
N ILE A 51 11.22 -12.66 -4.36
CA ILE A 51 11.04 -11.66 -5.40
C ILE A 51 10.19 -12.30 -6.50
N ASP A 52 8.90 -11.93 -6.54
CA ASP A 52 7.79 -12.57 -7.24
C ASP A 52 7.43 -13.92 -6.65
N THR A 53 6.17 -14.32 -6.68
CA THR A 53 5.89 -15.70 -6.26
C THR A 53 5.90 -16.62 -7.47
N PRO A 54 6.02 -17.95 -7.32
CA PRO A 54 5.74 -18.85 -8.47
C PRO A 54 4.33 -18.64 -9.01
N PHE A 55 4.05 -19.28 -10.14
CA PHE A 55 2.70 -19.25 -10.71
C PHE A 55 1.61 -19.62 -9.70
N THR A 56 1.86 -20.64 -8.86
CA THR A 56 0.80 -21.33 -8.13
C THR A 56 1.09 -21.37 -6.63
N ALA A 57 0.04 -21.68 -5.86
CA ALA A 57 0.21 -21.95 -4.42
C ALA A 57 1.08 -23.18 -4.16
N LYS A 58 0.93 -24.22 -4.99
CA LYS A 58 1.73 -25.43 -4.78
C LYS A 58 3.22 -25.13 -4.86
N ASP A 59 3.63 -24.36 -5.86
CA ASP A 59 5.05 -24.07 -5.98
C ASP A 59 5.51 -22.99 -5.02
N THR A 60 4.62 -22.08 -4.63
CA THR A 60 4.96 -21.15 -3.56
C THR A 60 5.25 -21.91 -2.27
N GLU A 61 4.36 -22.84 -1.91
CA GLU A 61 4.57 -23.73 -0.76
C GLU A 61 5.86 -24.51 -0.86
N LYS A 62 6.15 -25.11 -2.04
CA LYS A 62 7.40 -25.86 -2.17
C LYS A 62 8.59 -24.96 -1.97
N LEU A 63 8.55 -23.78 -2.60
CA LEU A 63 9.63 -22.83 -2.44
C LEU A 63 9.84 -22.48 -0.98
N VAL A 64 8.77 -22.09 -0.30
CA VAL A 64 8.86 -21.69 1.12
C VAL A 64 9.38 -22.85 1.95
N THR A 65 8.84 -24.04 1.74
CA THR A 65 9.22 -25.19 2.54
C THR A 65 10.72 -25.48 2.43
N TRP A 66 11.25 -25.37 1.21
CA TRP A 66 12.67 -25.62 0.97
C TRP A 66 13.57 -24.72 1.81
N PHE A 67 13.26 -23.42 1.83
CA PHE A 67 14.06 -22.49 2.61
C PHE A 67 13.79 -22.65 4.09
N VAL A 68 12.52 -22.83 4.47
CA VAL A 68 12.21 -22.95 5.90
C VAL A 68 12.80 -24.24 6.47
N GLU A 69 12.77 -25.34 5.70
CA GLU A 69 13.38 -26.59 6.18
C GLU A 69 14.86 -26.45 6.43
N ARG A 70 15.48 -25.46 5.80
CA ARG A 70 16.90 -25.20 5.93
C ARG A 70 17.19 -24.02 6.85
N GLY A 71 16.20 -23.58 7.64
CA GLY A 71 16.35 -22.59 8.70
C GLY A 71 16.11 -21.16 8.29
N TYR A 72 15.79 -20.94 7.02
CA TYR A 72 15.59 -19.61 6.45
C TYR A 72 14.11 -19.30 6.49
N LYS A 73 13.67 -18.60 7.54
CA LYS A 73 12.27 -18.23 7.64
C LYS A 73 12.00 -17.09 6.65
N ILE A 74 10.73 -16.92 6.32
CA ILE A 74 10.34 -16.02 5.22
C ILE A 74 10.00 -14.66 5.82
N LYS A 75 10.79 -13.63 5.48
CA LYS A 75 10.48 -12.28 5.93
C LYS A 75 9.38 -11.59 5.10
N GLY A 76 9.23 -11.94 3.83
CA GLY A 76 8.23 -11.29 2.98
C GLY A 76 8.38 -11.65 1.52
N SER A 77 7.34 -11.30 0.75
CA SER A 77 7.34 -11.44 -0.70
C SER A 77 7.03 -10.09 -1.31
N ILE A 78 7.58 -9.84 -2.48
CA ILE A 78 7.25 -8.67 -3.26
C ILE A 78 6.91 -9.12 -4.68
N SER A 79 5.85 -8.57 -5.28
CA SER A 79 5.41 -8.95 -6.61
C SER A 79 5.66 -7.82 -7.60
N SER A 80 6.28 -8.16 -8.73
CA SER A 80 6.69 -7.12 -9.64
C SER A 80 5.58 -6.57 -10.54
N HIS A 81 4.44 -7.25 -10.65
CA HIS A 81 3.27 -6.76 -11.40
C HIS A 81 2.09 -7.66 -11.05
N PHE A 82 0.92 -7.38 -11.64
CA PHE A 82 -0.30 -8.03 -11.13
C PHE A 82 -0.60 -9.39 -11.73
N HIS A 83 -0.02 -9.74 -12.88
CA HIS A 83 -0.30 -11.04 -13.50
C HIS A 83 0.00 -12.20 -12.53
N SER A 84 -0.72 -13.32 -12.67
CA SER A 84 -0.57 -14.39 -11.69
C SER A 84 0.79 -15.09 -11.73
N ASP A 85 1.63 -14.84 -12.74
CA ASP A 85 2.97 -15.44 -12.66
C ASP A 85 3.90 -14.70 -11.70
N SER A 86 3.49 -13.55 -11.18
CA SER A 86 4.16 -12.79 -10.13
C SER A 86 3.46 -12.86 -8.80
N THR A 87 2.13 -13.03 -8.84
CA THR A 87 1.26 -12.83 -7.70
C THR A 87 0.53 -14.09 -7.26
N GLY A 88 0.70 -15.22 -7.95
CA GLY A 88 -0.15 -16.37 -7.72
C GLY A 88 -0.10 -16.94 -6.31
N GLY A 89 1.04 -16.83 -5.63
CA GLY A 89 1.23 -17.29 -4.26
C GLY A 89 0.85 -16.34 -3.15
N ILE A 90 0.31 -15.16 -3.50
CA ILE A 90 0.03 -14.15 -2.49
C ILE A 90 -0.98 -14.67 -1.47
N GLU A 91 -2.05 -15.30 -1.93
CA GLU A 91 -3.05 -15.78 -0.97
C GLU A 91 -2.44 -16.80 0.00
N TRP A 92 -1.62 -17.73 -0.52
CA TRP A 92 -1.01 -18.73 0.35
C TRP A 92 -0.14 -18.06 1.40
N LEU A 93 0.67 -17.10 0.96
CA LEU A 93 1.53 -16.37 1.88
C LEU A 93 0.72 -15.59 2.91
N ASN A 94 -0.34 -14.90 2.46
CA ASN A 94 -1.25 -14.20 3.38
C ASN A 94 -1.80 -15.15 4.42
N SER A 95 -2.21 -16.35 3.99
CA SER A 95 -2.75 -17.31 4.96
C SER A 95 -1.71 -17.75 5.97
N ARG A 96 -0.42 -17.67 5.65
CA ARG A 96 0.61 -17.98 6.62
C ARG A 96 1.08 -16.73 7.37
N SER A 97 0.36 -15.60 7.25
CA SER A 97 0.79 -14.30 7.80
C SER A 97 2.26 -14.02 7.49
N ILE A 98 2.67 -14.29 6.25
CA ILE A 98 3.93 -13.78 5.72
C ILE A 98 3.60 -12.49 4.99
N PRO A 99 4.22 -11.37 5.36
CA PRO A 99 3.90 -10.09 4.68
C PRO A 99 4.13 -10.17 3.19
N THR A 100 3.19 -9.64 2.42
CA THR A 100 3.27 -9.57 0.97
C THR A 100 3.24 -8.10 0.53
N TYR A 101 4.06 -7.74 -0.47
CA TYR A 101 4.25 -6.37 -0.93
C TYR A 101 3.86 -6.25 -2.40
N ALA A 102 3.23 -5.13 -2.76
CA ALA A 102 2.91 -4.81 -4.14
C ALA A 102 2.71 -3.31 -4.20
N SER A 103 2.93 -2.71 -5.37
CA SER A 103 2.62 -1.29 -5.48
C SER A 103 1.13 -1.07 -5.31
N GLU A 104 0.76 0.16 -4.95
CA GLU A 104 -0.65 0.54 -4.91
C GLU A 104 -1.36 0.22 -6.22
N LEU A 105 -0.73 0.57 -7.34
CA LEU A 105 -1.41 0.32 -8.61
C LEU A 105 -1.52 -1.18 -8.88
N THR A 106 -0.48 -1.97 -8.54
CA THR A 106 -0.59 -3.42 -8.68
C THR A 106 -1.76 -3.97 -7.88
N ASN A 107 -1.92 -3.53 -6.63
CA ASN A 107 -3.01 -4.02 -5.79
C ASN A 107 -4.36 -3.61 -6.35
N GLU A 108 -4.44 -2.39 -6.86
CA GLU A 108 -5.65 -1.94 -7.54
C GLU A 108 -5.94 -2.82 -8.75
N LEU A 109 -4.91 -3.21 -9.52
CA LEU A 109 -5.15 -4.09 -10.65
C LEU A 109 -5.53 -5.50 -10.19
N LEU A 110 -4.93 -6.01 -9.11
CA LEU A 110 -5.38 -7.27 -8.55
C LEU A 110 -6.85 -7.21 -8.19
N LYS A 111 -7.21 -6.20 -7.39
CA LYS A 111 -8.59 -6.08 -6.98
C LYS A 111 -9.52 -6.02 -8.18
N LYS A 112 -9.20 -5.19 -9.17
CA LYS A 112 -10.08 -5.06 -10.33
C LYS A 112 -10.23 -6.40 -11.02
N ASP A 113 -9.27 -7.25 -10.87
CA ASP A 113 -9.51 -8.58 -11.33
C ASP A 113 -10.11 -9.53 -10.22
N GLY A 114 -10.61 -9.04 -9.07
CA GLY A 114 -11.01 -10.02 -8.05
C GLY A 114 -9.94 -11.02 -7.64
N LYS A 115 -8.69 -10.59 -7.65
CA LYS A 115 -7.59 -11.31 -7.01
C LYS A 115 -7.35 -10.79 -5.59
N VAL A 116 -6.84 -11.68 -4.72
CA VAL A 116 -6.35 -11.30 -3.39
C VAL A 116 -5.18 -10.33 -3.53
N GLN A 117 -5.15 -9.30 -2.67
CA GLN A 117 -4.16 -8.22 -2.68
C GLN A 117 -2.99 -8.51 -1.74
N ALA A 118 -1.84 -7.90 -2.02
CA ALA A 118 -0.76 -7.91 -1.03
C ALA A 118 -1.17 -7.10 0.19
N THR A 119 -0.70 -7.52 1.36
CA THR A 119 -1.07 -6.85 2.61
C THR A 119 -0.24 -5.60 2.90
N ASN A 120 0.77 -5.30 2.07
CA ASN A 120 1.62 -4.12 2.20
C ASN A 120 1.76 -3.46 0.84
N SER A 121 1.39 -2.19 0.69
CA SER A 121 1.55 -1.53 -0.60
C SER A 121 2.44 -0.30 -0.49
N PHE A 122 2.97 0.16 -1.62
CA PHE A 122 3.78 1.36 -1.69
C PHE A 122 3.33 2.16 -2.89
N SER A 123 3.28 3.48 -2.73
CA SER A 123 2.80 4.42 -3.73
C SER A 123 4.11 4.97 -4.36
N GLY A 124 4.12 5.47 -5.56
CA GLY A 124 5.39 6.13 -5.86
C GLY A 124 6.57 5.26 -6.34
N VAL A 125 7.55 5.97 -6.89
CA VAL A 125 8.47 5.49 -7.95
C VAL A 125 9.63 4.68 -7.39
N ASN A 126 10.19 5.04 -6.23
CA ASN A 126 11.11 4.14 -5.54
C ASN A 126 10.59 3.77 -4.16
N TYR A 127 11.01 2.58 -3.76
CA TYR A 127 10.59 1.97 -2.52
C TYR A 127 11.76 1.15 -2.08
N TRP A 128 12.28 1.36 -0.87
CA TRP A 128 13.29 0.47 -0.37
C TRP A 128 12.58 -0.60 0.44
N LEU A 129 12.53 -1.79 -0.13
CA LEU A 129 12.06 -2.91 0.65
C LEU A 129 13.03 -3.23 1.78
N VAL A 130 14.33 -3.18 1.49
CA VAL A 130 15.39 -3.27 2.52
C VAL A 130 16.46 -2.26 2.15
N LYS A 131 16.67 -1.25 3.02
CA LYS A 131 17.53 -0.13 2.66
C LYS A 131 18.93 -0.66 2.35
N ASN A 132 19.50 -0.20 1.24
CA ASN A 132 20.77 -0.62 0.65
C ASN A 132 20.83 -2.08 0.24
N LYS A 133 19.73 -2.82 0.28
CA LYS A 133 19.85 -4.22 -0.15
C LYS A 133 18.79 -4.64 -1.18
N ILE A 134 17.55 -4.16 -1.06
CA ILE A 134 16.48 -4.52 -2.00
C ILE A 134 15.69 -3.25 -2.33
N GLU A 135 15.80 -2.74 -3.57
CA GLU A 135 15.10 -1.55 -3.99
C GLU A 135 14.15 -1.85 -5.12
N VAL A 136 13.04 -1.15 -5.10
CA VAL A 136 12.02 -1.28 -6.12
C VAL A 136 11.98 0.00 -6.92
N PHE A 137 11.81 -0.14 -8.23
CA PHE A 137 11.79 1.04 -9.04
C PHE A 137 10.76 0.89 -10.15
N TYR A 138 10.02 1.98 -10.40
CA TYR A 138 9.04 2.05 -11.46
C TYR A 138 9.62 2.75 -12.67
N PRO A 139 9.86 2.06 -13.77
CA PRO A 139 10.41 2.69 -14.97
C PRO A 139 9.36 3.34 -15.85
N GLY A 140 8.08 3.13 -15.54
CA GLY A 140 6.98 3.52 -16.39
C GLY A 140 6.29 2.33 -17.04
N PRO A 141 5.19 2.57 -17.74
CA PRO A 141 4.44 1.45 -18.36
C PRO A 141 5.28 0.75 -19.43
N GLY A 142 5.04 -0.58 -19.55
CA GLY A 142 5.63 -1.44 -20.54
C GLY A 142 4.85 -2.72 -20.78
N HIS A 143 5.36 -3.84 -20.26
CA HIS A 143 4.61 -5.09 -20.28
C HIS A 143 3.24 -4.92 -19.64
N THR A 144 3.18 -4.21 -18.51
CA THR A 144 1.90 -3.73 -17.99
C THR A 144 1.98 -2.32 -17.47
N PRO A 145 0.85 -1.72 -17.07
CA PRO A 145 0.93 -0.37 -16.52
C PRO A 145 1.67 -0.31 -15.19
N ASP A 146 1.69 -1.40 -14.40
CA ASP A 146 2.24 -1.37 -13.06
C ASP A 146 3.64 -1.95 -12.92
N ASN A 147 4.25 -2.45 -14.00
CA ASN A 147 5.44 -3.30 -13.83
C ASN A 147 6.57 -2.54 -13.13
N VAL A 148 7.18 -3.15 -12.11
CA VAL A 148 8.34 -2.56 -11.43
C VAL A 148 9.51 -3.53 -11.50
N VAL A 149 10.72 -3.01 -11.23
CA VAL A 149 11.92 -3.82 -11.15
C VAL A 149 12.48 -3.78 -9.72
N VAL A 150 13.29 -4.78 -9.39
CA VAL A 150 13.90 -4.91 -8.08
C VAL A 150 15.42 -4.96 -8.28
N TRP A 151 16.12 -4.10 -7.57
CA TRP A 151 17.55 -3.91 -7.72
C TRP A 151 18.21 -4.33 -6.41
N LEU A 152 19.29 -5.10 -6.51
CA LEU A 152 20.07 -5.54 -5.36
C LEU A 152 21.41 -4.83 -5.48
N PRO A 153 21.53 -3.66 -4.88
CA PRO A 153 22.76 -2.84 -5.01
C PRO A 153 24.03 -3.59 -4.72
N GLU A 154 24.02 -4.46 -3.71
CA GLU A 154 25.26 -5.07 -3.29
C GLU A 154 25.71 -6.13 -4.25
N ARG A 155 24.81 -6.67 -5.04
CA ARG A 155 25.26 -7.59 -6.06
C ARG A 155 25.20 -7.02 -7.45
N LYS A 156 24.66 -5.82 -7.63
CA LYS A 156 24.54 -5.28 -8.98
C LYS A 156 23.69 -6.23 -9.83
N ILE A 157 22.63 -6.79 -9.24
CA ILE A 157 21.70 -7.70 -9.90
C ILE A 157 20.34 -7.04 -10.03
N LEU A 158 19.81 -6.99 -11.26
CA LEU A 158 18.50 -6.39 -11.57
C LEU A 158 17.49 -7.49 -11.88
N PHE A 159 16.41 -7.51 -11.13
CA PHE A 159 15.32 -8.40 -11.48
C PHE A 159 14.36 -7.59 -12.34
N GLY A 160 14.38 -7.85 -13.66
CA GLY A 160 13.54 -7.12 -14.56
C GLY A 160 12.13 -7.63 -14.70
N GLY A 161 11.86 -8.84 -14.21
CA GLY A 161 10.50 -9.33 -14.29
C GLY A 161 10.01 -9.36 -15.73
N CYS A 162 8.71 -9.20 -15.91
CA CYS A 162 8.21 -9.40 -17.26
C CYS A 162 8.42 -8.18 -18.13
N PHE A 163 9.07 -7.14 -17.59
CA PHE A 163 9.45 -5.98 -18.38
C PHE A 163 10.61 -6.28 -19.29
N ILE A 164 11.51 -7.14 -18.88
CA ILE A 164 12.70 -7.45 -19.65
C ILE A 164 12.34 -8.54 -20.64
N LYS A 165 12.44 -8.23 -21.93
CA LYS A 165 11.93 -9.10 -23.00
C LYS A 165 12.88 -9.02 -24.18
N PRO A 166 14.02 -9.73 -24.08
CA PRO A 166 15.09 -9.57 -25.07
C PRO A 166 14.77 -10.08 -26.43
N TYR A 167 13.96 -11.14 -26.52
CA TYR A 167 13.77 -11.77 -27.81
C TYR A 167 12.36 -11.60 -28.32
N GLY A 168 11.59 -10.70 -27.74
CA GLY A 168 10.19 -10.53 -28.09
C GLY A 168 9.37 -10.18 -26.87
N LEU A 169 8.26 -9.48 -27.11
CA LEU A 169 7.56 -8.82 -26.02
C LEU A 169 6.59 -9.73 -25.26
N GLY A 170 6.32 -10.96 -25.74
CA GLY A 170 5.40 -11.85 -25.02
C GLY A 170 3.94 -11.41 -25.07
N ASN A 171 3.20 -11.77 -24.02
CA ASN A 171 1.76 -11.50 -23.94
C ASN A 171 1.52 -9.98 -23.93
N LEU A 172 0.93 -9.43 -25.00
CA LEU A 172 0.75 -7.98 -25.08
C LEU A 172 -0.57 -7.51 -24.52
N GLY A 173 -1.32 -8.40 -23.86
CA GLY A 173 -2.71 -8.11 -23.57
C GLY A 173 -2.92 -6.90 -22.70
N ASP A 174 -1.95 -6.60 -21.86
CA ASP A 174 -2.08 -5.56 -20.86
C ASP A 174 -1.01 -4.50 -21.08
N ALA A 175 -0.31 -4.59 -22.22
CA ALA A 175 0.87 -3.80 -22.48
C ALA A 175 0.49 -2.40 -22.93
N ASN A 176 1.46 -1.51 -22.80
CA ASN A 176 1.46 -0.13 -23.27
C ASN A 176 2.62 0.05 -24.22
N ILE A 177 2.46 -0.26 -25.50
CA ILE A 177 3.61 -0.17 -26.40
C ILE A 177 4.05 1.25 -26.64
N GLU A 178 3.13 2.22 -26.64
CA GLU A 178 3.63 3.58 -26.85
C GLU A 178 4.63 3.95 -25.79
N ALA A 179 4.44 3.45 -24.59
CA ALA A 179 5.24 3.94 -23.49
C ALA A 179 6.48 3.08 -23.27
N TRP A 180 6.37 1.81 -23.62
CA TRP A 180 7.45 0.85 -23.38
C TRP A 180 8.82 1.31 -23.85
N PRO A 181 8.98 1.89 -25.04
CA PRO A 181 10.30 2.39 -25.47
C PRO A 181 10.88 3.41 -24.51
N LYS A 182 10.08 4.39 -24.08
CA LYS A 182 10.57 5.39 -23.14
C LYS A 182 10.94 4.77 -21.80
N SER A 183 10.11 3.85 -21.29
CA SER A 183 10.38 3.16 -20.04
C SER A 183 11.67 2.34 -20.10
N ALA A 184 11.86 1.61 -21.21
CA ALA A 184 13.03 0.76 -21.39
C ALA A 184 14.31 1.59 -21.46
N LYS A 185 14.22 2.78 -22.06
CA LYS A 185 15.36 3.67 -22.20
C LYS A 185 15.77 4.24 -20.85
N LEU A 186 14.75 4.69 -20.12
CA LEU A 186 14.95 5.10 -18.75
C LEU A 186 15.64 4.01 -17.95
N LEU A 187 15.10 2.78 -18.01
CA LEU A 187 15.63 1.69 -17.20
C LEU A 187 17.07 1.38 -17.57
N LYS A 188 17.36 1.49 -18.85
CA LYS A 188 18.69 1.18 -19.32
C LYS A 188 19.71 2.21 -18.86
N SER A 189 19.41 3.51 -18.89
CA SER A 189 20.37 4.43 -18.29
C SER A 189 20.57 4.17 -16.82
N LYS A 190 19.53 3.78 -16.13
CA LYS A 190 19.71 3.74 -14.70
C LYS A 190 20.51 2.53 -14.28
N TYR A 191 20.37 1.43 -14.98
CA TYR A 191 20.97 0.19 -14.51
C TYR A 191 21.91 -0.39 -15.52
N GLY A 192 22.35 0.43 -16.45
CA GLY A 192 23.40 0.10 -17.37
C GLY A 192 24.58 -0.73 -16.92
N LYS A 193 25.18 -0.61 -15.73
CA LYS A 193 26.24 -1.56 -15.39
C LYS A 193 25.78 -2.60 -14.38
N ALA A 194 24.51 -2.98 -14.39
CA ALA A 194 24.16 -4.21 -13.71
C ALA A 194 25.11 -5.34 -14.13
N LYS A 195 25.49 -6.18 -13.17
CA LYS A 195 26.24 -7.36 -13.50
C LYS A 195 25.35 -8.40 -14.18
N LEU A 196 24.08 -8.48 -13.78
CA LEU A 196 23.15 -9.54 -14.16
C LEU A 196 21.73 -8.98 -14.22
N VAL A 197 21.00 -9.38 -15.26
CA VAL A 197 19.59 -9.02 -15.45
C VAL A 197 18.80 -10.32 -15.52
N VAL A 198 17.75 -10.42 -14.71
CA VAL A 198 16.94 -11.62 -14.61
C VAL A 198 15.59 -11.33 -15.24
N PRO A 199 15.31 -11.80 -16.47
CA PRO A 199 13.97 -11.71 -17.03
C PRO A 199 13.05 -12.75 -16.40
N SER A 200 11.74 -12.49 -16.43
CA SER A 200 10.78 -13.51 -15.99
C SER A 200 10.88 -14.76 -16.86
N HIS A 201 10.97 -14.56 -18.17
CA HIS A 201 10.66 -15.62 -19.13
C HIS A 201 11.82 -15.99 -20.03
N SER A 202 13.01 -15.47 -19.74
CA SER A 202 14.23 -15.75 -20.48
C SER A 202 15.34 -15.93 -19.47
N GLU A 203 16.35 -16.72 -19.82
CA GLU A 203 17.22 -17.05 -18.70
C GLU A 203 18.16 -15.84 -18.52
N VAL A 204 18.84 -15.79 -17.36
CA VAL A 204 19.62 -14.63 -16.93
C VAL A 204 20.68 -14.20 -17.92
N GLY A 205 20.94 -12.90 -17.99
CA GLY A 205 21.90 -12.34 -18.92
C GLY A 205 22.69 -11.27 -18.21
N ASP A 206 23.51 -10.57 -18.98
CA ASP A 206 24.23 -9.40 -18.53
C ASP A 206 23.40 -8.16 -18.90
N ALA A 207 23.96 -6.95 -18.68
CA ALA A 207 23.23 -5.71 -18.97
C ALA A 207 22.80 -5.58 -20.43
N SER A 208 23.41 -6.31 -21.38
CA SER A 208 22.87 -6.19 -22.73
C SER A 208 21.41 -6.60 -22.81
N LEU A 209 20.87 -7.33 -21.84
CA LEU A 209 19.43 -7.58 -21.90
C LEU A 209 18.63 -6.28 -21.81
N LEU A 210 19.18 -5.20 -21.24
CA LEU A 210 18.47 -3.91 -21.27
C LEU A 210 18.44 -3.33 -22.67
N LYS A 211 19.52 -3.47 -23.44
CA LYS A 211 19.51 -2.86 -24.75
C LYS A 211 18.60 -3.66 -25.67
N LEU A 212 18.59 -4.99 -25.52
CA LEU A 212 17.75 -5.86 -26.31
C LEU A 212 16.26 -5.55 -26.09
N THR A 213 15.86 -5.33 -24.83
CA THR A 213 14.49 -4.98 -24.50
C THR A 213 14.08 -3.67 -25.16
N LEU A 214 14.97 -2.68 -25.10
CA LEU A 214 14.65 -1.43 -25.72
C LEU A 214 14.44 -1.60 -27.22
N GLU A 215 15.33 -2.34 -27.88
CA GLU A 215 15.18 -2.61 -29.31
C GLU A 215 13.89 -3.36 -29.60
N GLN A 216 13.55 -4.36 -28.78
CA GLN A 216 12.28 -5.03 -29.01
C GLN A 216 11.11 -4.07 -28.81
N ALA A 217 11.20 -3.12 -27.89
CA ALA A 217 10.07 -2.22 -27.66
C ALA A 217 9.91 -1.26 -28.82
N VAL A 218 11.02 -0.64 -29.23
CA VAL A 218 11.04 0.16 -30.43
C VAL A 218 10.43 -0.66 -31.57
N LYS A 219 10.84 -1.93 -31.70
CA LYS A 219 10.36 -2.78 -32.78
C LYS A 219 8.84 -2.97 -32.75
N GLY A 220 8.31 -3.39 -31.61
CA GLY A 220 6.87 -3.58 -31.50
C GLY A 220 6.08 -2.30 -31.69
N LEU A 221 6.64 -1.16 -31.28
CA LEU A 221 5.90 0.09 -31.46
C LEU A 221 5.79 0.44 -32.92
N ASN A 222 6.90 0.32 -33.64
CA ASN A 222 6.90 0.48 -35.09
C ASN A 222 5.91 -0.45 -35.75
N GLU A 223 6.09 -1.75 -35.50
CA GLU A 223 5.19 -2.64 -36.24
C GLU A 223 3.79 -2.30 -35.94
N SER A 224 3.45 -1.93 -34.69
CA SER A 224 2.08 -1.64 -34.42
C SER A 224 1.55 -0.43 -35.16
N LYS A 225 2.38 0.41 -35.70
CA LYS A 225 1.80 1.58 -36.32
C LYS A 225 1.64 1.27 -37.81
N LYS A 226 0.80 0.27 -38.12
CA LYS A 226 0.68 -0.29 -39.47
C LYS A 226 -0.62 -1.11 -39.48
N PRO A 227 -1.15 -1.67 -40.64
CA PRO A 227 -0.64 -1.98 -42.01
C PRO A 227 0.27 -1.02 -42.80
N SER B 7 -19.70 6.49 35.00
CA SER B 7 -19.46 7.94 34.93
C SER B 7 -18.98 8.52 33.56
N LEU B 8 -18.27 7.78 32.70
CA LEU B 8 -17.89 8.30 31.37
C LEU B 8 -19.08 8.31 30.42
N PRO B 9 -19.26 9.36 29.63
CA PRO B 9 -20.29 9.29 28.58
C PRO B 9 -20.09 8.07 27.66
N ASP B 10 -21.21 7.56 27.12
CA ASP B 10 -21.40 6.38 26.25
C ASP B 10 -20.99 6.69 24.81
N LEU B 11 -20.60 5.67 24.04
CA LEU B 11 -20.32 5.88 22.60
C LEU B 11 -21.46 6.64 21.94
N LYS B 12 -21.13 7.68 21.18
CA LYS B 12 -22.13 8.48 20.48
C LYS B 12 -21.90 8.25 18.97
N ILE B 13 -22.97 8.14 18.18
CA ILE B 13 -22.91 7.97 16.71
C ILE B 13 -23.93 8.97 16.14
N GLU B 14 -23.47 9.90 15.30
CA GLU B 14 -24.30 11.02 14.87
C GLU B 14 -24.04 11.19 13.38
N LYS B 15 -25.07 11.07 12.53
CA LYS B 15 -24.89 11.38 11.11
C LYS B 15 -24.30 12.77 10.92
N LEU B 16 -23.33 12.91 10.00
CA LEU B 16 -22.79 14.23 9.67
C LEU B 16 -23.06 14.70 8.24
N ASP B 17 -23.27 13.79 7.29
CA ASP B 17 -23.53 14.09 5.88
C ASP B 17 -23.99 12.77 5.24
N GLU B 18 -24.44 12.78 3.97
CA GLU B 18 -24.98 11.51 3.50
C GLU B 18 -23.84 10.51 3.44
N GLY B 19 -24.11 9.29 3.86
CA GLY B 19 -23.01 8.36 3.96
C GLY B 19 -21.89 8.68 4.94
N VAL B 20 -21.98 9.65 5.86
CA VAL B 20 -20.85 9.92 6.76
C VAL B 20 -21.33 10.12 8.20
N TYR B 21 -20.89 9.26 9.12
CA TYR B 21 -21.23 9.35 10.54
C TYR B 21 -20.01 9.71 11.37
N VAL B 22 -20.21 10.49 12.43
CA VAL B 22 -19.18 10.72 13.42
C VAL B 22 -19.44 9.80 14.59
N HIS B 23 -18.43 9.04 15.00
CA HIS B 23 -18.51 8.36 16.28
C HIS B 23 -17.64 9.10 17.27
N THR B 24 -18.15 9.22 18.48
CA THR B 24 -17.45 9.91 19.53
C THR B 24 -17.32 8.95 20.69
N SER B 25 -16.11 8.71 21.16
CA SER B 25 -15.89 7.86 22.32
C SER B 25 -15.18 8.68 23.39
N PHE B 26 -15.19 8.22 24.64
CA PHE B 26 -14.62 9.04 25.72
C PHE B 26 -13.75 8.20 26.63
N GLU B 27 -12.69 8.81 27.13
CA GLU B 27 -11.74 8.11 27.99
C GLU B 27 -11.21 9.09 29.02
N GLU B 28 -10.88 8.58 30.20
CA GLU B 28 -10.34 9.53 31.16
C GLU B 28 -8.80 9.37 31.13
N VAL B 29 -8.17 10.49 30.80
CA VAL B 29 -6.72 10.50 30.57
C VAL B 29 -6.06 11.29 31.65
N ASN B 30 -4.89 10.87 32.07
CA ASN B 30 -4.57 11.52 33.30
C ASN B 30 -3.81 12.82 33.06
N GLY B 31 -4.21 13.79 33.87
CA GLY B 31 -3.88 15.21 33.73
C GLY B 31 -4.57 15.90 32.58
N TRP B 32 -5.56 15.26 31.99
CA TRP B 32 -6.39 15.85 30.96
C TRP B 32 -7.85 15.84 31.35
N GLY B 33 -8.25 14.87 32.19
CA GLY B 33 -9.63 14.57 32.50
C GLY B 33 -10.31 13.71 31.46
N VAL B 34 -11.59 13.99 31.21
CA VAL B 34 -12.36 13.30 30.16
C VAL B 34 -11.94 13.83 28.81
N VAL B 35 -11.49 12.94 27.94
CA VAL B 35 -11.11 13.26 26.59
C VAL B 35 -12.15 12.68 25.64
N PRO B 36 -12.82 13.48 24.82
CA PRO B 36 -13.61 12.98 23.71
C PRO B 36 -12.70 12.63 22.54
N LYS B 37 -13.11 11.66 21.72
CA LYS B 37 -12.38 11.37 20.49
C LYS B 37 -13.36 11.15 19.34
N HIS B 38 -13.30 12.00 18.31
CA HIS B 38 -14.10 11.77 17.10
C HIS B 38 -13.36 10.90 16.10
N GLY B 39 -14.09 9.94 15.52
CA GLY B 39 -13.71 9.32 14.27
C GLY B 39 -14.89 9.28 13.33
N LEU B 40 -14.76 8.66 12.16
CA LEU B 40 -15.90 8.57 11.29
C LEU B 40 -16.23 7.13 10.95
N VAL B 41 -17.44 6.96 10.47
CA VAL B 41 -17.79 5.75 9.75
C VAL B 41 -18.33 6.23 8.42
N VAL B 42 -17.78 5.69 7.34
CA VAL B 42 -18.06 6.19 6.00
C VAL B 42 -18.72 5.06 5.22
N LEU B 43 -19.86 5.36 4.61
CA LEU B 43 -20.57 4.35 3.84
C LEU B 43 -20.30 4.53 2.36
N VAL B 44 -20.02 3.39 1.72
CA VAL B 44 -19.89 3.28 0.28
C VAL B 44 -20.83 2.18 -0.14
N ASN B 45 -21.92 2.60 -0.77
CA ASN B 45 -23.06 1.73 -1.04
C ASN B 45 -23.46 1.21 0.33
N ALA B 46 -23.47 -0.10 0.50
CA ALA B 46 -23.80 -0.74 1.75
C ALA B 46 -22.57 -1.37 2.41
N GLU B 47 -21.38 -0.81 2.20
CA GLU B 47 -20.21 -1.24 2.96
C GLU B 47 -19.77 -0.11 3.87
N ALA B 48 -19.24 -0.44 5.04
CA ALA B 48 -18.82 0.62 5.95
C ALA B 48 -17.35 0.52 6.29
N TYR B 49 -16.72 1.71 6.31
CA TYR B 49 -15.32 1.93 6.63
C TYR B 49 -15.18 2.78 7.88
N LEU B 50 -14.46 2.23 8.85
CA LEU B 50 -14.16 2.93 10.09
C LEU B 50 -12.93 3.82 9.91
N ILE B 51 -13.10 5.10 10.20
CA ILE B 51 -12.00 6.04 10.18
C ILE B 51 -11.61 6.31 11.63
N ASP B 52 -10.50 5.69 12.04
CA ASP B 52 -10.06 5.50 13.42
C ASP B 52 -11.02 4.60 14.19
N THR B 53 -10.49 3.81 15.12
CA THR B 53 -11.30 3.10 16.10
C THR B 53 -11.58 3.97 17.31
N PRO B 54 -12.63 3.66 18.06
CA PRO B 54 -12.73 4.18 19.42
C PRO B 54 -11.57 3.75 20.30
N PHE B 55 -11.55 4.34 21.50
CA PHE B 55 -10.50 4.08 22.48
C PHE B 55 -10.35 2.57 22.79
N THR B 56 -11.47 1.85 22.92
CA THR B 56 -11.42 0.51 23.50
C THR B 56 -12.01 -0.53 22.55
N ALA B 57 -11.70 -1.80 22.81
CA ALA B 57 -12.34 -2.87 22.06
C ALA B 57 -13.86 -2.86 22.31
N LYS B 58 -14.26 -2.58 23.56
CA LYS B 58 -15.66 -2.44 23.95
C LYS B 58 -16.44 -1.51 23.02
N ASP B 59 -15.97 -0.29 22.85
CA ASP B 59 -16.74 0.65 22.04
C ASP B 59 -16.58 0.36 20.55
N THR B 60 -15.47 -0.26 20.13
CA THR B 60 -15.34 -0.66 18.74
C THR B 60 -16.36 -1.75 18.41
N GLU B 61 -16.57 -2.68 19.33
CA GLU B 61 -17.57 -3.73 19.12
C GLU B 61 -18.95 -3.11 19.07
N LYS B 62 -19.18 -2.12 19.93
CA LYS B 62 -20.45 -1.41 19.92
C LYS B 62 -20.66 -0.66 18.62
N LEU B 63 -19.60 -0.07 18.08
CA LEU B 63 -19.76 0.74 16.88
C LEU B 63 -20.08 -0.14 15.68
N VAL B 64 -19.39 -1.26 15.61
CA VAL B 64 -19.52 -2.20 14.51
C VAL B 64 -20.88 -2.90 14.52
N THR B 65 -21.33 -3.31 15.72
CA THR B 65 -22.65 -3.92 15.88
C THR B 65 -23.74 -2.99 15.38
N TRP B 66 -23.61 -1.71 15.71
CA TRP B 66 -24.62 -0.74 15.30
C TRP B 66 -24.82 -0.77 13.79
N PHE B 67 -23.73 -0.69 13.02
CA PHE B 67 -23.84 -0.73 11.56
C PHE B 67 -24.17 -2.12 11.03
N VAL B 68 -23.59 -3.19 11.61
CA VAL B 68 -23.93 -4.56 11.17
C VAL B 68 -25.43 -4.83 11.34
N GLU B 69 -26.10 -4.23 12.33
CA GLU B 69 -27.51 -4.58 12.54
C GLU B 69 -28.46 -3.82 11.64
N ARG B 70 -27.97 -2.73 11.07
CA ARG B 70 -28.65 -1.83 10.14
C ARG B 70 -28.26 -2.05 8.69
N GLY B 71 -27.53 -3.08 8.37
CA GLY B 71 -27.33 -3.42 6.99
C GLY B 71 -25.93 -3.29 6.43
N TYR B 72 -24.97 -2.64 7.10
CA TYR B 72 -23.67 -2.45 6.43
C TYR B 72 -22.70 -3.59 6.79
N LYS B 73 -21.96 -4.09 5.78
CA LYS B 73 -20.81 -4.91 6.13
C LYS B 73 -19.63 -4.01 6.39
N ILE B 74 -18.86 -4.33 7.43
CA ILE B 74 -17.68 -3.56 7.73
C ILE B 74 -16.55 -4.08 6.86
N LYS B 75 -16.13 -3.23 5.95
CA LYS B 75 -15.07 -3.59 5.04
C LYS B 75 -13.66 -3.36 5.56
N GLY B 76 -13.46 -2.47 6.51
CA GLY B 76 -12.11 -2.22 6.99
C GLY B 76 -12.09 -1.04 7.92
N SER B 77 -10.92 -0.83 8.54
CA SER B 77 -10.68 0.36 9.34
C SER B 77 -9.30 0.91 8.99
N ILE B 78 -9.15 2.21 9.09
CA ILE B 78 -7.86 2.86 8.89
C ILE B 78 -7.59 3.73 10.10
N SER B 79 -6.38 3.66 10.63
CA SER B 79 -6.04 4.43 11.82
C SER B 79 -5.13 5.58 11.43
N SER B 80 -5.48 6.77 11.91
CA SER B 80 -4.82 8.00 11.49
C SER B 80 -3.46 8.20 12.11
N HIS B 81 -3.18 7.58 13.24
CA HIS B 81 -1.84 7.63 13.81
C HIS B 81 -1.79 6.53 14.85
N PHE B 82 -0.65 6.39 15.51
CA PHE B 82 -0.49 5.18 16.29
C PHE B 82 -1.08 5.25 17.70
N HIS B 83 -1.47 6.42 18.21
CA HIS B 83 -1.95 6.51 19.60
C HIS B 83 -3.25 5.71 19.74
N SER B 84 -3.52 5.26 20.96
CA SER B 84 -4.62 4.31 21.07
C SER B 84 -6.00 4.97 20.92
N ASP B 85 -6.09 6.32 20.92
CA ASP B 85 -7.39 6.91 20.58
C ASP B 85 -7.74 6.70 19.11
N SER B 86 -6.77 6.25 18.28
CA SER B 86 -7.02 5.87 16.89
C SER B 86 -6.92 4.37 16.63
N THR B 87 -6.20 3.61 17.48
CA THR B 87 -5.86 2.22 17.19
C THR B 87 -6.34 1.24 18.26
N GLY B 88 -7.02 1.71 19.30
CA GLY B 88 -7.36 0.84 20.41
C GLY B 88 -8.20 -0.36 20.04
N GLY B 89 -9.04 -0.23 19.01
CA GLY B 89 -9.91 -1.28 18.55
C GLY B 89 -9.34 -2.26 17.54
N ILE B 90 -8.06 -2.13 17.17
CA ILE B 90 -7.49 -2.88 16.05
C ILE B 90 -7.44 -4.36 16.38
N GLU B 91 -6.96 -4.71 17.57
CA GLU B 91 -6.88 -6.11 17.94
C GLU B 91 -8.24 -6.77 17.82
N TRP B 92 -9.29 -6.11 18.33
CA TRP B 92 -10.63 -6.67 18.28
C TRP B 92 -11.12 -6.87 16.85
N LEU B 93 -10.93 -5.85 16.00
CA LEU B 93 -11.25 -6.00 14.58
C LEU B 93 -10.45 -7.13 13.93
N ASN B 94 -9.14 -7.23 14.24
CA ASN B 94 -8.36 -8.34 13.69
C ASN B 94 -8.94 -9.67 14.12
N SER B 95 -9.38 -9.78 15.38
CA SER B 95 -9.98 -11.02 15.85
C SER B 95 -11.26 -11.34 15.11
N ARG B 96 -11.88 -10.38 14.45
CA ARG B 96 -13.09 -10.70 13.70
C ARG B 96 -12.86 -10.74 12.21
N SER B 97 -11.60 -10.68 11.76
CA SER B 97 -11.24 -10.77 10.34
C SER B 97 -11.78 -9.58 9.54
N ILE B 98 -11.85 -8.42 10.20
CA ILE B 98 -12.12 -7.16 9.52
C ILE B 98 -10.75 -6.52 9.21
N PRO B 99 -10.40 -6.31 7.90
CA PRO B 99 -9.14 -5.69 7.56
C PRO B 99 -8.87 -4.41 8.31
N THR B 100 -7.69 -4.22 8.84
CA THR B 100 -7.29 -2.99 9.49
C THR B 100 -6.12 -2.38 8.70
N TYR B 101 -6.13 -1.04 8.55
CA TYR B 101 -5.12 -0.35 7.75
C TYR B 101 -4.39 0.65 8.62
N ALA B 102 -3.07 0.76 8.44
CA ALA B 102 -2.28 1.83 9.04
C ALA B 102 -1.11 2.10 8.13
N SER B 103 -0.57 3.32 8.20
CA SER B 103 0.66 3.56 7.48
C SER B 103 1.73 2.63 8.00
N GLU B 104 2.69 2.39 7.14
CA GLU B 104 3.85 1.59 7.48
C GLU B 104 4.55 2.12 8.74
N LEU B 105 4.73 3.43 8.81
CA LEU B 105 5.34 4.03 9.98
C LEU B 105 4.47 3.87 11.21
N THR B 106 3.15 4.06 11.08
CA THR B 106 2.26 3.82 12.20
C THR B 106 2.42 2.40 12.73
N ASN B 107 2.48 1.42 11.83
CA ASN B 107 2.65 0.04 12.27
C ASN B 107 3.99 -0.17 12.95
N GLU B 108 5.07 0.43 12.43
CA GLU B 108 6.36 0.32 13.10
C GLU B 108 6.28 0.95 14.51
N LEU B 109 5.51 2.04 14.68
CA LEU B 109 5.38 2.68 16.00
C LEU B 109 4.55 1.82 16.96
N LEU B 110 3.46 1.24 16.47
CA LEU B 110 2.71 0.27 17.26
C LEU B 110 3.62 -0.86 17.69
N LYS B 111 4.39 -1.40 16.75
CA LYS B 111 5.20 -2.54 17.08
C LYS B 111 6.24 -2.17 18.12
N LYS B 112 6.92 -1.04 17.91
CA LYS B 112 7.87 -0.53 18.90
C LYS B 112 7.26 -0.50 20.31
N ASP B 113 6.03 -0.03 20.43
CA ASP B 113 5.46 0.09 21.78
C ASP B 113 4.77 -1.19 22.26
N GLY B 114 4.85 -2.28 21.51
CA GLY B 114 4.27 -3.52 21.97
C GLY B 114 2.77 -3.61 21.80
N LYS B 115 2.22 -2.88 20.82
CA LYS B 115 0.80 -2.88 20.51
C LYS B 115 0.54 -3.73 19.28
N VAL B 116 -0.70 -4.21 19.17
CA VAL B 116 -1.08 -5.00 18.01
C VAL B 116 -1.09 -4.13 16.76
N GLN B 117 -0.53 -4.66 15.66
CA GLN B 117 -0.41 -3.90 14.42
C GLN B 117 -1.63 -4.11 13.51
N ALA B 118 -1.87 -3.15 12.61
CA ALA B 118 -2.87 -3.36 11.56
C ALA B 118 -2.41 -4.46 10.62
N THR B 119 -3.37 -5.25 10.10
CA THR B 119 -3.03 -6.31 9.18
C THR B 119 -2.61 -5.80 7.80
N ASN B 120 -2.86 -4.54 7.46
CA ASN B 120 -2.50 -4.02 6.13
C ASN B 120 -1.74 -2.72 6.29
N SER B 121 -0.72 -2.50 5.48
CA SER B 121 -0.06 -1.21 5.57
C SER B 121 0.13 -0.56 4.19
N PHE B 122 0.31 0.75 4.19
CA PHE B 122 0.54 1.51 2.97
C PHE B 122 1.66 2.50 3.24
N SER B 123 2.31 2.92 2.17
CA SER B 123 3.53 3.67 2.28
C SER B 123 3.55 4.67 1.12
N GLY B 124 3.72 5.95 1.42
CA GLY B 124 3.57 6.92 0.33
C GLY B 124 2.88 8.16 0.82
N VAL B 125 2.89 9.25 0.02
CA VAL B 125 2.31 10.45 0.61
C VAL B 125 0.79 10.44 0.46
N ASN B 126 0.27 9.74 -0.54
CA ASN B 126 -1.14 9.54 -0.79
C ASN B 126 -1.42 8.08 -0.95
N TYR B 127 -2.64 7.70 -0.65
CA TYR B 127 -3.02 6.32 -0.77
C TYR B 127 -4.53 6.31 -0.91
N TRP B 128 -5.07 5.59 -1.87
CA TRP B 128 -6.53 5.44 -1.90
C TRP B 128 -6.95 4.26 -1.05
N LEU B 129 -7.68 4.53 0.03
CA LEU B 129 -8.34 3.41 0.71
C LEU B 129 -9.49 2.86 -0.13
N VAL B 130 -10.30 3.73 -0.69
CA VAL B 130 -11.30 3.36 -1.68
C VAL B 130 -11.16 4.33 -2.82
N LYS B 131 -10.82 3.83 -4.01
CA LYS B 131 -10.52 4.71 -5.13
C LYS B 131 -11.67 5.68 -5.33
N ASN B 132 -11.36 6.98 -5.44
CA ASN B 132 -12.35 8.03 -5.72
C ASN B 132 -13.32 8.32 -4.57
N LYS B 133 -13.21 7.63 -3.43
CA LYS B 133 -14.15 7.82 -2.33
C LYS B 133 -13.46 8.18 -1.02
N ILE B 134 -12.35 7.52 -0.70
CA ILE B 134 -11.67 7.70 0.59
C ILE B 134 -10.16 7.77 0.32
N GLU B 135 -9.59 8.97 0.48
CA GLU B 135 -8.19 9.21 0.16
C GLU B 135 -7.42 9.47 1.46
N VAL B 136 -6.20 8.94 1.57
CA VAL B 136 -5.35 9.15 2.73
C VAL B 136 -4.19 10.04 2.35
N PHE B 137 -3.78 10.93 3.25
CA PHE B 137 -2.74 11.87 2.90
C PHE B 137 -1.80 12.09 4.08
N TYR B 138 -0.51 12.10 3.80
CA TYR B 138 0.46 12.35 4.86
C TYR B 138 0.99 13.77 4.77
N PRO B 139 0.67 14.67 5.70
CA PRO B 139 1.22 16.04 5.59
C PRO B 139 2.62 16.25 6.15
N GLY B 140 3.23 15.27 6.82
CA GLY B 140 4.48 15.52 7.49
C GLY B 140 4.28 15.38 8.98
N PRO B 141 5.37 15.28 9.74
CA PRO B 141 5.27 15.23 11.20
C PRO B 141 4.51 16.43 11.77
N GLY B 142 3.88 16.20 12.91
CA GLY B 142 3.09 17.18 13.62
C GLY B 142 2.77 16.72 15.02
N HIS B 143 1.52 16.39 15.25
CA HIS B 143 1.12 15.79 16.51
C HIS B 143 1.92 14.51 16.83
N THR B 144 2.22 13.67 15.83
CA THR B 144 3.13 12.53 15.93
C THR B 144 3.95 12.45 14.65
N PRO B 145 5.00 11.62 14.56
CA PRO B 145 5.70 11.48 13.27
C PRO B 145 4.86 10.86 12.15
N ASP B 146 3.79 10.10 12.47
CA ASP B 146 3.07 9.25 11.50
C ASP B 146 1.71 9.77 11.09
N ASN B 147 1.25 10.91 11.60
CA ASN B 147 -0.15 11.32 11.47
C ASN B 147 -0.57 11.54 10.02
N VAL B 148 -1.70 10.96 9.64
CA VAL B 148 -2.26 11.14 8.30
C VAL B 148 -3.67 11.64 8.45
N VAL B 149 -4.20 12.18 7.36
CA VAL B 149 -5.58 12.64 7.33
C VAL B 149 -6.29 11.88 6.25
N VAL B 150 -7.60 11.87 6.34
CA VAL B 150 -8.42 11.12 5.41
C VAL B 150 -9.38 12.09 4.77
N TRP B 151 -9.48 12.04 3.45
CA TRP B 151 -10.26 13.00 2.72
C TRP B 151 -11.37 12.26 1.99
N LEU B 152 -12.56 12.84 1.98
CA LEU B 152 -13.64 12.28 1.15
C LEU B 152 -14.04 13.26 0.02
N PRO B 153 -13.47 13.01 -1.19
CA PRO B 153 -13.80 13.82 -2.38
C PRO B 153 -15.25 14.16 -2.56
N GLU B 154 -16.10 13.17 -2.39
CA GLU B 154 -17.45 13.43 -2.83
C GLU B 154 -18.25 14.26 -1.84
N ARG B 155 -17.73 14.50 -0.65
CA ARG B 155 -18.42 15.28 0.35
C ARG B 155 -17.56 16.44 0.79
N LYS B 156 -16.31 16.45 0.36
CA LYS B 156 -15.34 17.46 0.70
C LYS B 156 -15.23 17.62 2.20
N ILE B 157 -15.20 16.48 2.87
CA ILE B 157 -14.97 16.40 4.30
C ILE B 157 -13.56 15.89 4.52
N LEU B 158 -12.78 16.63 5.33
CA LEU B 158 -11.46 16.22 5.80
C LEU B 158 -11.56 15.69 7.21
N PHE B 159 -11.13 14.46 7.45
CA PHE B 159 -10.89 14.01 8.81
C PHE B 159 -9.44 14.31 9.15
N GLY B 160 -9.22 15.29 10.02
CA GLY B 160 -7.89 15.76 10.34
C GLY B 160 -7.25 15.07 11.50
N GLY B 161 -8.06 14.34 12.26
CA GLY B 161 -7.49 13.50 13.28
C GLY B 161 -6.86 14.36 14.38
N CYS B 162 -5.84 13.81 15.02
CA CYS B 162 -5.25 14.59 16.11
C CYS B 162 -4.25 15.63 15.63
N PHE B 163 -4.13 15.81 14.33
CA PHE B 163 -3.30 16.88 13.75
C PHE B 163 -3.99 18.25 13.76
N ILE B 164 -5.32 18.27 13.70
CA ILE B 164 -6.07 19.52 13.70
C ILE B 164 -6.19 19.92 15.16
N LYS B 165 -5.53 21.04 15.54
CA LYS B 165 -5.46 21.50 16.92
C LYS B 165 -5.68 23.01 16.94
N PRO B 166 -6.94 23.43 16.78
CA PRO B 166 -7.27 24.87 16.58
C PRO B 166 -7.02 25.80 17.78
N TYR B 167 -7.14 25.33 19.03
CA TYR B 167 -7.13 26.12 20.26
C TYR B 167 -5.89 25.85 21.16
N GLY B 168 -4.92 24.98 20.73
CA GLY B 168 -3.77 24.44 21.51
C GLY B 168 -3.30 23.04 21.07
N LEU B 169 -1.97 22.74 21.01
CA LEU B 169 -1.45 21.55 20.31
C LEU B 169 -1.67 20.27 21.09
N GLY B 170 -1.86 20.38 22.39
CA GLY B 170 -2.34 19.30 23.21
C GLY B 170 -1.17 18.49 23.70
N ASN B 171 -1.36 17.22 23.92
CA ASN B 171 -0.26 16.37 24.36
C ASN B 171 0.81 16.33 23.29
N LEU B 172 1.96 16.85 23.70
CA LEU B 172 3.11 17.00 22.86
C LEU B 172 4.13 15.86 23.02
N GLY B 173 3.81 14.77 23.70
CA GLY B 173 4.85 13.77 24.00
C GLY B 173 5.52 13.15 22.78
N ASP B 174 4.78 12.98 21.69
CA ASP B 174 5.32 12.42 20.46
C ASP B 174 5.32 13.44 19.34
N ALA B 175 5.16 14.71 19.65
CA ALA B 175 5.01 15.65 18.58
C ALA B 175 6.37 16.10 18.08
N ASN B 176 6.36 16.58 16.86
CA ASN B 176 7.47 17.25 16.20
C ASN B 176 7.07 18.70 16.02
N ILE B 177 7.32 19.53 17.05
CA ILE B 177 6.89 20.92 16.94
C ILE B 177 7.68 21.67 15.86
N GLU B 178 8.92 21.28 15.61
CA GLU B 178 9.66 21.95 14.56
C GLU B 178 9.12 21.62 13.16
N ALA B 179 8.52 20.44 12.95
CA ALA B 179 7.98 20.16 11.62
C ALA B 179 6.51 20.56 11.48
N TRP B 180 5.81 20.67 12.61
CA TRP B 180 4.37 20.87 12.56
C TRP B 180 3.96 22.11 11.79
N PRO B 181 4.63 23.26 11.81
CA PRO B 181 4.11 24.35 10.98
C PRO B 181 4.19 24.04 9.49
N LYS B 182 5.26 23.39 9.04
CA LYS B 182 5.40 23.06 7.63
C LYS B 182 4.29 22.14 7.18
N SER B 183 4.11 21.06 7.93
CA SER B 183 3.05 20.10 7.67
C SER B 183 1.66 20.73 7.61
N ALA B 184 1.36 21.61 8.56
CA ALA B 184 0.01 22.18 8.65
C ALA B 184 -0.27 23.10 7.48
N LYS B 185 0.80 23.68 6.96
CA LYS B 185 0.77 24.55 5.81
C LYS B 185 0.53 23.77 4.52
N LEU B 186 1.30 22.69 4.33
CA LEU B 186 0.99 21.74 3.27
C LEU B 186 -0.44 21.26 3.38
N LEU B 187 -0.89 20.90 4.58
CA LEU B 187 -2.28 20.48 4.73
C LEU B 187 -3.22 21.58 4.30
N LYS B 188 -3.03 22.77 4.84
CA LYS B 188 -3.93 23.85 4.48
C LYS B 188 -3.94 24.03 2.97
N SER B 189 -2.80 23.88 2.33
CA SER B 189 -2.82 24.13 0.91
C SER B 189 -3.49 23.03 0.11
N LYS B 190 -3.56 21.82 0.65
CA LYS B 190 -4.17 20.76 -0.15
C LYS B 190 -5.67 20.77 -0.06
N TYR B 191 -6.17 20.97 1.12
CA TYR B 191 -7.58 20.83 1.35
C TYR B 191 -8.16 22.15 1.76
N GLY B 192 -7.50 23.21 1.34
CA GLY B 192 -7.93 24.51 1.78
C GLY B 192 -9.41 24.67 1.54
N LYS B 193 -9.91 24.09 0.48
CA LYS B 193 -11.32 24.32 0.23
C LYS B 193 -12.22 23.16 0.74
N ALA B 194 -11.95 22.57 1.93
CA ALA B 194 -12.89 21.61 2.50
C ALA B 194 -14.14 22.30 3.03
N LYS B 195 -15.27 21.63 2.86
CA LYS B 195 -16.51 22.06 3.46
C LYS B 195 -16.48 21.87 4.98
N LEU B 196 -15.99 20.72 5.43
CA LEU B 196 -15.97 20.39 6.83
C LEU B 196 -14.65 19.76 7.22
N VAL B 197 -14.16 20.13 8.39
CA VAL B 197 -12.92 19.59 8.90
C VAL B 197 -13.23 18.97 10.25
N VAL B 198 -12.94 17.68 10.38
CA VAL B 198 -13.21 16.93 11.61
C VAL B 198 -11.94 16.71 12.43
N PRO B 199 -11.76 17.44 13.52
CA PRO B 199 -10.66 17.15 14.45
C PRO B 199 -10.98 15.96 15.35
N SER B 200 -9.91 15.35 15.89
CA SER B 200 -10.06 14.27 16.86
C SER B 200 -10.73 14.75 18.15
N HIS B 201 -10.33 15.91 18.64
CA HIS B 201 -10.59 16.29 20.02
C HIS B 201 -11.35 17.59 20.18
N SER B 202 -11.93 18.13 19.12
CA SER B 202 -12.69 19.37 19.22
C SER B 202 -13.74 19.29 18.13
N GLU B 203 -14.73 20.19 18.14
CA GLU B 203 -15.93 19.88 17.36
C GLU B 203 -15.70 20.28 15.90
N VAL B 204 -16.35 19.58 15.02
CA VAL B 204 -16.25 19.75 13.57
C VAL B 204 -16.35 21.24 13.22
N GLY B 205 -15.65 21.64 12.19
CA GLY B 205 -15.58 23.04 11.89
C GLY B 205 -15.47 23.13 10.41
N ASP B 206 -15.09 24.24 9.94
CA ASP B 206 -14.95 24.40 8.53
C ASP B 206 -13.46 24.51 8.20
N ALA B 207 -13.12 24.91 6.96
CA ALA B 207 -11.70 24.93 6.60
C ALA B 207 -10.86 25.93 7.40
N SER B 208 -11.44 26.82 8.19
CA SER B 208 -10.51 27.61 8.99
C SER B 208 -9.95 26.82 10.17
N LEU B 209 -10.44 25.62 10.44
CA LEU B 209 -9.73 24.80 11.41
C LEU B 209 -8.29 24.49 10.92
N LEU B 210 -8.06 24.53 9.59
CA LEU B 210 -6.72 24.44 8.99
C LEU B 210 -5.88 25.68 9.33
N LYS B 211 -6.42 26.87 9.10
CA LYS B 211 -5.81 28.13 9.52
C LYS B 211 -5.45 28.12 11.01
N LEU B 212 -6.42 27.88 11.90
CA LEU B 212 -6.16 27.87 13.33
C LEU B 212 -5.04 26.90 13.69
N THR B 213 -5.03 25.73 13.07
CA THR B 213 -4.02 24.74 13.37
C THR B 213 -2.64 25.29 13.03
N LEU B 214 -2.50 25.83 11.84
CA LEU B 214 -1.27 26.45 11.45
C LEU B 214 -0.86 27.52 12.45
N GLU B 215 -1.75 28.46 12.79
CA GLU B 215 -1.33 29.47 13.75
C GLU B 215 -0.91 28.81 15.04
N GLN B 216 -1.69 27.87 15.54
CA GLN B 216 -1.31 27.23 16.78
C GLN B 216 0.00 26.46 16.61
N ALA B 217 0.37 26.08 15.40
CA ALA B 217 1.65 25.38 15.30
C ALA B 217 2.85 26.35 15.33
N VAL B 218 2.83 27.37 14.49
CA VAL B 218 3.72 28.51 14.67
C VAL B 218 3.75 29.02 16.12
N LYS B 219 2.58 29.41 16.67
CA LYS B 219 2.51 29.84 18.08
C LYS B 219 3.34 28.92 18.94
N GLY B 220 3.14 27.63 18.79
CA GLY B 220 3.87 26.70 19.61
C GLY B 220 5.36 26.56 19.32
N LEU B 221 5.77 26.53 18.05
CA LEU B 221 7.21 26.53 17.81
C LEU B 221 7.85 27.75 18.45
N ASN B 222 7.13 28.87 18.53
CA ASN B 222 7.75 30.07 19.04
C ASN B 222 7.88 30.01 20.55
N GLU B 223 6.77 29.81 21.27
CA GLU B 223 6.85 29.63 22.71
C GLU B 223 8.01 28.70 23.16
N SER B 224 8.64 27.97 22.21
CA SER B 224 9.78 27.08 22.48
C SER B 224 11.14 27.63 22.00
N LYS B 225 11.32 28.95 22.07
CA LYS B 225 12.66 29.54 22.11
C LYS B 225 12.54 30.74 23.06
N LYS B 226 11.94 31.83 22.63
CA LYS B 226 11.06 32.72 23.41
C LYS B 226 10.22 31.97 24.49
N GLY C 1 -12.42 -30.94 -27.50
CA GLY C 1 -12.04 -30.13 -28.64
C GLY C 1 -12.43 -28.64 -28.71
N PRO C 2 -11.80 -27.89 -29.63
CA PRO C 2 -12.30 -26.56 -30.02
C PRO C 2 -13.52 -26.73 -30.93
N GLY C 3 -14.34 -25.71 -31.08
CA GLY C 3 -15.49 -25.86 -31.97
C GLY C 3 -15.11 -25.93 -33.45
N VAL C 4 -16.10 -26.34 -34.26
CA VAL C 4 -16.11 -26.38 -35.73
C VAL C 4 -15.79 -25.03 -36.39
N GLY C 5 -16.11 -23.94 -35.72
CA GLY C 5 -15.77 -22.63 -36.24
C GLY C 5 -14.55 -22.03 -35.59
N GLU C 6 -13.98 -22.72 -34.61
CA GLU C 6 -12.76 -22.29 -33.92
C GLU C 6 -11.58 -22.51 -34.87
N SER C 7 -10.82 -21.44 -35.16
CA SER C 7 -9.57 -21.52 -35.91
C SER C 7 -8.39 -21.23 -34.96
N LEU C 8 -7.23 -21.94 -35.05
CA LEU C 8 -6.13 -21.67 -34.06
C LEU C 8 -5.40 -20.39 -34.50
N PRO C 9 -4.49 -19.77 -33.73
CA PRO C 9 -4.02 -18.45 -34.20
C PRO C 9 -3.44 -18.55 -35.62
N ASP C 10 -3.41 -17.44 -36.38
CA ASP C 10 -3.01 -17.66 -37.77
C ASP C 10 -1.49 -17.73 -37.86
N LEU C 11 -0.98 -18.43 -38.87
CA LEU C 11 0.44 -18.40 -39.13
C LEU C 11 1.00 -16.99 -38.91
N LYS C 12 2.07 -16.89 -38.13
CA LYS C 12 2.80 -15.65 -37.96
C LYS C 12 4.18 -15.73 -38.60
N ILE C 13 4.63 -14.60 -39.13
CA ILE C 13 5.96 -14.43 -39.73
C ILE C 13 6.61 -13.16 -39.13
N GLU C 14 7.82 -13.30 -38.59
CA GLU C 14 8.51 -12.23 -37.84
C GLU C 14 9.99 -12.15 -38.20
N LYS C 15 10.47 -10.97 -38.50
CA LYS C 15 11.90 -10.81 -38.70
C LYS C 15 12.64 -11.12 -37.39
N LEU C 16 13.67 -11.97 -37.48
CA LEU C 16 14.50 -12.37 -36.34
C LEU C 16 15.90 -11.80 -36.40
N ASP C 17 16.38 -11.49 -37.61
CA ASP C 17 17.72 -10.96 -37.83
C ASP C 17 17.80 -10.66 -39.32
N GLU C 18 18.91 -10.05 -39.77
CA GLU C 18 18.83 -9.55 -41.13
C GLU C 18 18.56 -10.68 -42.12
N GLY C 19 19.20 -11.83 -42.02
CA GLY C 19 18.69 -12.62 -43.11
C GLY C 19 17.52 -13.56 -42.89
N VAL C 20 16.67 -13.36 -41.89
CA VAL C 20 16.17 -14.56 -41.20
C VAL C 20 14.81 -14.28 -40.57
N TYR C 21 13.81 -15.12 -40.88
CA TYR C 21 12.44 -14.94 -40.40
C TYR C 21 12.04 -16.16 -39.57
N VAL C 22 11.27 -15.94 -38.46
CA VAL C 22 10.61 -17.08 -37.79
C VAL C 22 9.18 -17.17 -38.29
N HIS C 23 8.72 -18.39 -38.53
CA HIS C 23 7.33 -18.64 -38.89
C HIS C 23 6.73 -19.58 -37.84
N THR C 24 5.60 -19.18 -37.31
CA THR C 24 4.97 -19.89 -36.20
C THR C 24 3.60 -20.36 -36.64
N SER C 25 3.36 -21.66 -36.55
CA SER C 25 2.05 -22.24 -36.81
C SER C 25 1.59 -22.95 -35.55
N PHE C 26 0.34 -23.37 -35.51
CA PHE C 26 -0.28 -23.81 -34.27
C PHE C 26 -1.04 -25.12 -34.54
N GLU C 27 -1.00 -26.13 -33.67
CA GLU C 27 -2.10 -27.09 -33.70
C GLU C 27 -2.59 -27.20 -32.24
N GLU C 28 -3.73 -27.87 -32.04
CA GLU C 28 -4.33 -28.07 -30.73
C GLU C 28 -4.05 -29.50 -30.36
N VAL C 29 -3.57 -29.70 -29.15
CA VAL C 29 -3.25 -31.02 -28.67
C VAL C 29 -4.25 -31.28 -27.59
N ASN C 30 -5.13 -32.25 -27.86
CA ASN C 30 -6.52 -32.22 -27.42
C ASN C 30 -6.39 -32.32 -25.89
N GLY C 31 -6.62 -31.18 -25.19
CA GLY C 31 -6.63 -31.10 -23.71
C GLY C 31 -5.31 -30.77 -23.00
N TRP C 32 -4.23 -30.62 -23.76
CA TRP C 32 -3.09 -29.80 -23.40
C TRP C 32 -3.27 -28.35 -23.93
N GLY C 33 -3.90 -28.11 -25.10
CA GLY C 33 -4.09 -26.71 -25.43
C GLY C 33 -3.66 -26.40 -26.85
N VAL C 34 -3.34 -25.14 -27.15
CA VAL C 34 -2.79 -24.80 -28.44
C VAL C 34 -1.29 -24.57 -28.28
N VAL C 35 -0.51 -25.20 -29.14
CA VAL C 35 0.93 -25.28 -29.02
C VAL C 35 1.54 -24.72 -30.27
N PRO C 36 2.51 -23.80 -30.17
CA PRO C 36 3.19 -23.21 -31.33
C PRO C 36 4.24 -24.15 -31.90
N LYS C 37 4.54 -23.97 -33.20
CA LYS C 37 5.68 -24.60 -33.88
C LYS C 37 6.41 -23.53 -34.70
N HIS C 38 7.71 -23.35 -34.42
CA HIS C 38 8.60 -22.41 -35.12
C HIS C 38 9.42 -23.11 -36.20
N GLY C 39 9.47 -22.52 -37.40
CA GLY C 39 10.53 -22.78 -38.36
C GLY C 39 11.17 -21.49 -38.78
N LEU C 40 12.10 -21.55 -39.72
CA LEU C 40 12.69 -20.33 -40.25
C LEU C 40 12.36 -20.17 -41.73
N VAL C 41 12.44 -18.94 -42.21
CA VAL C 41 12.74 -18.69 -43.61
C VAL C 41 14.05 -17.93 -43.63
N VAL C 42 15.01 -18.45 -44.39
CA VAL C 42 16.35 -17.90 -44.49
C VAL C 42 16.47 -17.30 -45.89
N LEU C 43 17.03 -16.11 -45.95
CA LEU C 43 17.09 -15.38 -47.21
C LEU C 43 18.53 -15.25 -47.61
N VAL C 44 18.81 -15.56 -48.86
CA VAL C 44 20.12 -15.42 -49.45
C VAL C 44 19.82 -14.66 -50.73
N ASN C 45 19.78 -13.32 -50.64
CA ASN C 45 19.59 -12.46 -51.81
C ASN C 45 18.33 -12.74 -52.53
N ALA C 46 17.12 -12.44 -52.08
CA ALA C 46 16.07 -12.82 -53.04
C ALA C 46 15.80 -14.33 -53.30
N GLU C 47 16.53 -15.28 -52.72
CA GLU C 47 16.04 -16.66 -52.67
C GLU C 47 15.60 -16.97 -51.26
N ALA C 48 14.53 -17.71 -51.08
CA ALA C 48 14.15 -18.03 -49.72
C ALA C 48 14.21 -19.53 -49.51
N TYR C 49 14.70 -19.96 -48.34
CA TYR C 49 14.80 -21.37 -47.97
C TYR C 49 13.91 -21.63 -46.77
N LEU C 50 12.96 -22.54 -46.88
CA LEU C 50 12.14 -22.85 -45.70
C LEU C 50 12.88 -23.82 -44.80
N ILE C 51 13.04 -23.45 -43.55
CA ILE C 51 13.56 -24.34 -42.53
C ILE C 51 12.40 -24.86 -41.68
N ASP C 52 12.02 -26.14 -41.88
CA ASP C 52 10.75 -26.79 -41.53
C ASP C 52 9.58 -26.16 -42.29
N THR C 53 8.58 -26.97 -42.68
CA THR C 53 7.29 -26.48 -43.18
C THR C 53 6.33 -26.38 -42.03
N PRO C 54 5.27 -25.53 -42.13
CA PRO C 54 4.19 -25.66 -41.15
C PRO C 54 3.54 -27.04 -41.11
N PHE C 55 2.64 -27.24 -40.15
CA PHE C 55 1.92 -28.52 -40.08
C PHE C 55 1.11 -28.81 -41.34
N THR C 56 0.61 -27.77 -42.02
CA THR C 56 -0.44 -28.01 -43.01
C THR C 56 -0.04 -27.52 -44.39
N ALA C 57 -0.62 -28.18 -45.41
CA ALA C 57 -0.50 -27.66 -46.76
C ALA C 57 -0.99 -26.20 -46.79
N LYS C 58 -2.12 -25.89 -46.15
CA LYS C 58 -2.66 -24.53 -46.18
C LYS C 58 -1.69 -23.51 -45.58
N ASP C 59 -1.06 -23.82 -44.46
CA ASP C 59 -0.10 -22.84 -43.94
C ASP C 59 1.22 -22.84 -44.72
N THR C 60 1.64 -23.98 -45.26
CA THR C 60 2.80 -23.97 -46.14
C THR C 60 2.53 -23.05 -47.31
N GLU C 61 1.33 -23.14 -47.88
CA GLU C 61 0.96 -22.24 -48.97
C GLU C 61 0.92 -20.78 -48.51
N LYS C 62 0.37 -20.47 -47.32
CA LYS C 62 0.38 -19.07 -46.87
C LYS C 62 1.81 -18.56 -46.74
N LEU C 63 2.67 -19.37 -46.12
CA LEU C 63 4.05 -19.00 -45.89
C LEU C 63 4.78 -18.76 -47.22
N VAL C 64 4.54 -19.61 -48.23
CA VAL C 64 5.25 -19.45 -49.50
C VAL C 64 4.80 -18.17 -50.21
N THR C 65 3.49 -17.92 -50.29
CA THR C 65 2.95 -16.73 -50.94
C THR C 65 3.48 -15.46 -50.29
N TRP C 66 3.50 -15.42 -48.97
CA TRP C 66 4.02 -14.26 -48.29
C TRP C 66 5.37 -13.86 -48.86
N PHE C 67 6.27 -14.82 -49.09
CA PHE C 67 7.57 -14.45 -49.64
C PHE C 67 7.55 -14.27 -51.13
N VAL C 68 6.70 -14.99 -51.86
CA VAL C 68 6.64 -14.77 -53.30
C VAL C 68 6.17 -13.35 -53.58
N GLU C 69 5.17 -12.87 -52.84
CA GLU C 69 4.76 -11.50 -53.09
C GLU C 69 5.71 -10.43 -52.60
N ARG C 70 6.76 -10.80 -51.91
CA ARG C 70 7.77 -9.82 -51.57
C ARG C 70 8.97 -9.96 -52.48
N GLY C 71 8.78 -10.69 -53.56
CA GLY C 71 9.76 -10.84 -54.61
C GLY C 71 10.74 -12.00 -54.51
N TYR C 72 10.62 -12.91 -53.54
CA TYR C 72 11.64 -13.97 -53.42
C TYR C 72 11.28 -15.19 -54.25
N LYS C 73 12.28 -15.86 -54.84
CA LYS C 73 12.06 -17.22 -55.32
C LYS C 73 12.18 -18.21 -54.16
N ILE C 74 11.29 -19.20 -54.08
CA ILE C 74 11.41 -20.24 -53.04
C ILE C 74 12.36 -21.31 -53.55
N LYS C 75 13.61 -21.29 -53.08
CA LYS C 75 14.53 -22.25 -53.69
C LYS C 75 14.40 -23.66 -53.13
N GLY C 76 13.98 -23.82 -51.88
CA GLY C 76 13.66 -25.15 -51.37
C GLY C 76 13.34 -25.14 -49.88
N SER C 77 12.92 -26.30 -49.38
CA SER C 77 12.74 -26.49 -47.95
C SER C 77 13.58 -27.65 -47.47
N ILE C 78 13.84 -27.62 -46.17
CA ILE C 78 14.43 -28.73 -45.47
C ILE C 78 13.65 -29.01 -44.20
N SER C 79 13.43 -30.29 -43.93
CA SER C 79 12.68 -30.76 -42.77
C SER C 79 13.63 -31.34 -41.73
N SER C 80 13.50 -30.87 -40.48
CA SER C 80 14.44 -31.23 -39.42
C SER C 80 14.19 -32.60 -38.77
N HIS C 81 13.01 -33.20 -38.97
CA HIS C 81 12.69 -34.56 -38.52
C HIS C 81 11.40 -34.94 -39.23
N PHE C 82 10.96 -36.19 -39.04
CA PHE C 82 9.86 -36.71 -39.85
C PHE C 82 8.47 -36.33 -39.37
N HIS C 83 8.32 -35.81 -38.15
CA HIS C 83 7.02 -35.49 -37.62
C HIS C 83 6.33 -34.44 -38.49
N SER C 84 4.98 -34.50 -38.54
CA SER C 84 4.17 -33.57 -39.28
C SER C 84 4.52 -32.10 -39.09
N ASP C 85 4.89 -31.74 -37.85
CA ASP C 85 5.19 -30.31 -37.62
C ASP C 85 6.48 -29.88 -38.32
N SER C 86 7.25 -30.78 -38.94
CA SER C 86 8.34 -30.34 -39.83
C SER C 86 8.13 -30.66 -41.30
N THR C 87 7.25 -31.61 -41.63
CA THR C 87 7.11 -32.17 -42.97
C THR C 87 5.71 -32.06 -43.53
N GLY C 88 4.81 -31.40 -42.83
CA GLY C 88 3.41 -31.45 -43.20
C GLY C 88 3.15 -30.90 -44.59
N GLY C 89 3.93 -29.93 -45.01
CA GLY C 89 3.70 -29.37 -46.33
C GLY C 89 4.68 -29.79 -47.41
N ILE C 90 5.41 -30.91 -47.23
CA ILE C 90 6.27 -31.43 -48.29
C ILE C 90 5.43 -31.82 -49.49
N GLU C 91 4.32 -32.52 -49.26
CA GLU C 91 3.49 -32.92 -50.39
C GLU C 91 3.08 -31.70 -51.22
N TRP C 92 2.68 -30.60 -50.57
CA TRP C 92 2.29 -29.41 -51.33
C TRP C 92 3.47 -28.78 -52.05
N LEU C 93 4.61 -28.68 -51.39
CA LEU C 93 5.79 -28.11 -52.03
C LEU C 93 6.18 -28.93 -53.25
N ASN C 94 6.19 -30.26 -53.11
CA ASN C 94 6.42 -31.15 -54.25
C ASN C 94 5.45 -30.89 -55.39
N SER C 95 4.17 -30.62 -55.06
CA SER C 95 3.18 -30.41 -56.11
C SER C 95 3.43 -29.13 -56.89
N ARG C 96 4.19 -28.20 -56.33
CA ARG C 96 4.59 -26.98 -57.01
C ARG C 96 6.02 -27.04 -57.54
N SER C 97 6.67 -28.19 -57.54
CA SER C 97 8.07 -28.33 -57.96
C SER C 97 9.04 -27.42 -57.18
N ILE C 98 8.78 -27.15 -55.91
CA ILE C 98 9.79 -26.54 -55.03
C ILE C 98 10.64 -27.68 -54.47
N PRO C 99 11.95 -27.71 -54.71
CA PRO C 99 12.78 -28.80 -54.15
C PRO C 99 12.56 -28.97 -52.64
N THR C 100 12.31 -30.22 -52.18
CA THR C 100 12.25 -30.49 -50.75
C THR C 100 13.38 -31.44 -50.36
N TYR C 101 13.99 -31.20 -49.16
CA TYR C 101 15.12 -31.98 -48.64
C TYR C 101 14.80 -32.55 -47.28
N ALA C 102 15.31 -33.77 -47.02
CA ALA C 102 15.36 -34.37 -45.70
C ALA C 102 16.54 -35.34 -45.67
N SER C 103 16.95 -35.75 -44.47
CA SER C 103 17.95 -36.79 -44.39
C SER C 103 17.41 -38.09 -44.98
N GLU C 104 18.33 -38.98 -45.34
CA GLU C 104 17.96 -40.31 -45.81
C GLU C 104 17.09 -41.01 -44.78
N LEU C 105 17.47 -40.90 -43.52
CA LEU C 105 16.70 -41.52 -42.46
C LEU C 105 15.33 -40.88 -42.33
N THR C 106 15.25 -39.55 -42.33
CA THR C 106 13.93 -38.91 -42.27
C THR C 106 13.04 -39.41 -43.41
N ASN C 107 13.55 -39.48 -44.65
CA ASN C 107 12.70 -39.95 -45.76
C ASN C 107 12.29 -41.39 -45.59
N GLU C 108 13.17 -42.20 -45.03
CA GLU C 108 12.80 -43.57 -44.72
C GLU C 108 11.66 -43.60 -43.71
N LEU C 109 11.74 -42.76 -42.67
CA LEU C 109 10.68 -42.73 -41.68
C LEU C 109 9.38 -42.25 -42.28
N LEU C 110 9.44 -41.26 -43.17
CA LEU C 110 8.23 -40.80 -43.82
C LEU C 110 7.60 -41.94 -44.61
N LYS C 111 8.39 -42.62 -45.45
CA LYS C 111 7.88 -43.70 -46.27
C LYS C 111 7.34 -44.82 -45.40
N LYS C 112 8.02 -45.11 -44.27
CA LYS C 112 7.56 -46.15 -43.35
C LYS C 112 6.16 -45.85 -42.85
N ASP C 113 5.92 -44.64 -42.41
CA ASP C 113 4.71 -44.00 -41.97
C ASP C 113 3.70 -43.75 -43.09
N GLY C 114 3.96 -44.16 -44.35
CA GLY C 114 3.00 -43.92 -45.41
C GLY C 114 2.83 -42.47 -45.78
N LYS C 115 3.86 -41.65 -45.60
CA LYS C 115 3.79 -40.23 -45.87
C LYS C 115 4.56 -39.91 -47.13
N VAL C 116 4.24 -38.78 -47.77
CA VAL C 116 5.06 -38.29 -48.87
C VAL C 116 6.47 -37.97 -48.45
N GLN C 117 7.44 -38.37 -49.28
CA GLN C 117 8.84 -38.07 -49.00
C GLN C 117 9.33 -36.77 -49.67
N ALA C 118 10.42 -36.21 -49.12
CA ALA C 118 11.14 -35.13 -49.77
C ALA C 118 11.73 -35.65 -51.06
N THR C 119 11.98 -34.76 -52.00
CA THR C 119 12.48 -35.24 -53.27
C THR C 119 14.00 -35.38 -53.29
N ASN C 120 14.68 -34.86 -52.29
CA ASN C 120 16.14 -34.92 -52.22
C ASN C 120 16.53 -35.38 -50.83
N SER C 121 17.54 -36.26 -50.76
CA SER C 121 18.02 -36.80 -49.50
C SER C 121 19.48 -36.43 -49.31
N PHE C 122 19.86 -36.26 -48.07
CA PHE C 122 21.26 -36.10 -47.78
C PHE C 122 21.57 -37.06 -46.67
N SER C 123 22.85 -37.23 -46.47
CA SER C 123 23.23 -38.28 -45.57
C SER C 123 24.63 -37.93 -45.15
N GLY C 124 24.92 -38.14 -43.89
CA GLY C 124 26.14 -37.56 -43.41
C GLY C 124 25.84 -36.69 -42.23
N VAL C 125 26.90 -36.37 -41.50
CA VAL C 125 26.74 -35.70 -40.24
C VAL C 125 26.68 -34.18 -40.39
N ASN C 126 27.43 -33.61 -41.33
CA ASN C 126 27.22 -32.23 -41.73
C ASN C 126 26.82 -32.21 -43.19
N TYR C 127 25.92 -31.32 -43.52
CA TYR C 127 25.54 -31.19 -44.92
C TYR C 127 25.29 -29.72 -45.16
N TRP C 128 25.86 -29.13 -46.21
CA TRP C 128 25.54 -27.73 -46.53
C TRP C 128 24.31 -27.69 -47.43
N LEU C 129 23.18 -27.27 -46.88
CA LEU C 129 22.05 -26.98 -47.75
C LEU C 129 22.41 -25.85 -48.72
N VAL C 130 23.13 -24.84 -48.22
CA VAL C 130 23.65 -23.72 -49.00
C VAL C 130 25.07 -23.46 -48.53
N LYS C 131 26.06 -23.63 -49.40
CA LYS C 131 27.46 -23.55 -48.97
C LYS C 131 27.74 -22.21 -48.28
N ASN C 132 28.44 -22.29 -47.13
CA ASN C 132 28.81 -21.16 -46.26
C ASN C 132 27.65 -20.43 -45.59
N LYS C 133 26.43 -20.84 -45.84
CA LYS C 133 25.29 -20.05 -45.35
C LYS C 133 24.27 -20.83 -44.56
N ILE C 134 24.01 -22.07 -44.94
CA ILE C 134 22.99 -22.85 -44.26
C ILE C 134 23.51 -24.28 -44.10
N GLU C 135 23.91 -24.64 -42.88
CA GLU C 135 24.51 -25.93 -42.55
C GLU C 135 23.52 -26.77 -41.76
N VAL C 136 23.53 -28.07 -42.01
CA VAL C 136 22.67 -29.03 -41.32
C VAL C 136 23.58 -29.95 -40.52
N PHE C 137 23.24 -30.23 -39.27
CA PHE C 137 24.10 -31.08 -38.43
C PHE C 137 23.26 -32.14 -37.74
N TYR C 138 23.81 -33.34 -37.65
CA TYR C 138 23.12 -34.43 -36.98
C TYR C 138 23.77 -34.63 -35.63
N PRO C 139 23.15 -34.30 -34.51
CA PRO C 139 23.84 -34.51 -33.23
C PRO C 139 23.77 -35.94 -32.72
N GLY C 140 22.98 -36.81 -33.35
CA GLY C 140 22.62 -38.07 -32.75
C GLY C 140 21.15 -38.12 -32.38
N PRO C 141 20.63 -39.31 -32.08
CA PRO C 141 19.20 -39.43 -31.74
C PRO C 141 18.86 -38.68 -30.46
N GLY C 142 17.60 -38.28 -30.36
CA GLY C 142 17.07 -37.66 -29.17
C GLY C 142 15.56 -37.63 -29.21
N HIS C 143 14.98 -36.46 -29.51
CA HIS C 143 13.55 -36.35 -29.79
C HIS C 143 13.06 -37.43 -30.75
N THR C 144 13.80 -37.64 -31.82
CA THR C 144 13.57 -38.75 -32.77
C THR C 144 14.93 -39.22 -33.24
N PRO C 145 15.01 -40.44 -33.81
CA PRO C 145 16.32 -40.94 -34.26
C PRO C 145 16.96 -40.07 -35.32
N ASP C 146 16.14 -39.33 -36.08
CA ASP C 146 16.57 -38.58 -37.24
C ASP C 146 16.71 -37.07 -37.03
N ASN C 147 16.50 -36.53 -35.82
CA ASN C 147 16.46 -35.07 -35.74
C ASN C 147 17.78 -34.43 -36.15
N VAL C 148 17.69 -33.33 -36.91
CA VAL C 148 18.84 -32.52 -37.28
C VAL C 148 18.61 -31.08 -36.88
N VAL C 149 19.71 -30.35 -36.77
CA VAL C 149 19.67 -28.92 -36.49
C VAL C 149 20.23 -28.19 -37.70
N VAL C 150 19.84 -26.92 -37.80
CA VAL C 150 20.29 -26.03 -38.86
C VAL C 150 21.04 -24.85 -38.22
N TRP C 151 22.20 -24.53 -38.78
CA TRP C 151 23.11 -23.50 -38.32
C TRP C 151 23.34 -22.48 -39.44
N LEU C 152 23.22 -21.19 -39.09
CA LEU C 152 23.48 -20.05 -39.97
C LEU C 152 24.79 -19.42 -39.50
N PRO C 153 25.92 -19.92 -39.96
CA PRO C 153 27.21 -19.39 -39.52
C PRO C 153 27.33 -17.87 -39.58
N GLU C 154 26.62 -17.22 -40.52
CA GLU C 154 26.81 -15.78 -40.69
C GLU C 154 25.99 -14.94 -39.71
N ARG C 155 24.89 -15.47 -39.17
CA ARG C 155 24.19 -14.81 -38.07
C ARG C 155 24.50 -15.46 -36.73
N LYS C 156 25.19 -16.60 -36.74
CA LYS C 156 25.34 -17.45 -35.55
C LYS C 156 24.00 -17.75 -34.87
N ILE C 157 23.02 -18.18 -35.66
CA ILE C 157 21.71 -18.65 -35.19
C ILE C 157 21.64 -20.14 -35.36
N LEU C 158 21.25 -20.86 -34.32
CA LEU C 158 20.98 -22.29 -34.45
C LEU C 158 19.47 -22.51 -34.38
N PHE C 159 18.93 -23.17 -35.40
CA PHE C 159 17.57 -23.70 -35.32
C PHE C 159 17.68 -25.12 -34.77
N GLY C 160 17.16 -25.35 -33.56
CA GLY C 160 17.37 -26.62 -32.92
C GLY C 160 16.21 -27.58 -33.12
N GLY C 161 15.12 -27.03 -33.64
CA GLY C 161 13.97 -27.85 -33.92
C GLY C 161 13.41 -28.51 -32.67
N CYS C 162 12.87 -29.72 -32.83
CA CYS C 162 12.29 -30.35 -31.66
C CYS C 162 13.31 -31.09 -30.83
N PHE C 163 14.59 -30.98 -31.17
CA PHE C 163 15.66 -31.49 -30.30
C PHE C 163 15.84 -30.60 -29.09
N ILE C 164 15.69 -29.29 -29.24
CA ILE C 164 15.93 -28.34 -28.16
C ILE C 164 14.66 -28.28 -27.32
N LYS C 165 14.76 -28.72 -26.07
CA LYS C 165 13.62 -28.92 -25.19
C LYS C 165 14.03 -28.45 -23.82
N PRO C 166 14.16 -27.13 -23.63
CA PRO C 166 14.75 -26.64 -22.38
C PRO C 166 13.85 -26.75 -21.16
N TYR C 167 12.54 -26.92 -21.34
CA TYR C 167 11.60 -27.02 -20.23
C TYR C 167 10.92 -28.38 -20.19
N GLY C 168 11.61 -29.43 -20.51
CA GLY C 168 10.85 -30.68 -20.56
C GLY C 168 10.90 -31.27 -21.96
N LEU C 169 11.12 -32.60 -22.00
CA LEU C 169 11.34 -33.31 -23.25
C LEU C 169 10.11 -33.42 -24.15
N GLY C 170 8.90 -33.27 -23.64
CA GLY C 170 7.77 -33.46 -24.52
C GLY C 170 7.46 -34.95 -24.71
N ASN C 171 6.72 -35.25 -25.77
CA ASN C 171 6.29 -36.60 -26.06
C ASN C 171 7.48 -37.50 -26.43
N LEU C 172 7.75 -38.58 -25.65
CA LEU C 172 8.85 -39.52 -25.91
C LEU C 172 8.46 -40.71 -26.77
N GLY C 173 7.27 -40.69 -27.36
CA GLY C 173 6.80 -41.83 -28.11
C GLY C 173 7.74 -42.27 -29.23
N ASP C 174 8.46 -41.34 -29.84
CA ASP C 174 9.40 -41.74 -30.88
C ASP C 174 10.85 -41.46 -30.52
N ALA C 175 11.13 -41.13 -29.29
CA ALA C 175 12.41 -40.59 -28.88
C ALA C 175 13.41 -41.71 -28.60
N ASN C 176 14.68 -41.36 -28.58
CA ASN C 176 15.70 -42.25 -28.05
C ASN C 176 16.23 -41.58 -26.79
N ILE C 177 15.63 -41.90 -25.66
CA ILE C 177 15.98 -41.23 -24.42
C ILE C 177 17.34 -41.69 -23.91
N GLU C 178 17.77 -42.90 -24.23
CA GLU C 178 19.11 -43.32 -23.86
C GLU C 178 20.21 -42.57 -24.59
N ALA C 179 19.95 -42.10 -25.81
CA ALA C 179 20.93 -41.37 -26.61
C ALA C 179 20.89 -39.88 -26.41
N TRP C 180 19.74 -39.35 -26.02
CA TRP C 180 19.58 -37.89 -26.00
C TRP C 180 20.61 -37.19 -25.15
N PRO C 181 20.95 -37.64 -23.94
CA PRO C 181 22.01 -36.95 -23.18
C PRO C 181 23.32 -36.80 -23.94
N LYS C 182 23.82 -37.89 -24.57
CA LYS C 182 25.07 -37.77 -25.32
C LYS C 182 24.92 -36.83 -26.50
N SER C 183 23.81 -36.96 -27.22
CA SER C 183 23.58 -36.12 -28.38
C SER C 183 23.51 -34.65 -27.98
N ALA C 184 22.88 -34.38 -26.84
CA ALA C 184 22.74 -33.00 -26.36
C ALA C 184 24.09 -32.42 -26.01
N LYS C 185 24.94 -33.21 -25.37
CA LYS C 185 26.26 -32.74 -25.01
C LYS C 185 27.12 -32.49 -26.24
N LEU C 186 27.04 -33.37 -27.24
CA LEU C 186 27.71 -33.09 -28.50
C LEU C 186 27.17 -31.79 -29.11
N LEU C 187 25.86 -31.60 -29.14
CA LEU C 187 25.32 -30.37 -29.71
C LEU C 187 25.80 -29.14 -28.94
N LYS C 188 25.74 -29.17 -27.61
CA LYS C 188 26.27 -28.07 -26.80
C LYS C 188 27.72 -27.80 -27.07
N SER C 189 28.53 -28.84 -27.16
CA SER C 189 29.93 -28.52 -27.28
C SER C 189 30.24 -27.94 -28.68
N LYS C 190 29.41 -28.24 -29.71
CA LYS C 190 29.61 -27.70 -31.06
C LYS C 190 29.08 -26.30 -31.23
N TYR C 191 27.96 -25.97 -30.61
CA TYR C 191 27.29 -24.70 -30.89
C TYR C 191 27.18 -23.81 -29.66
N GLY C 192 28.00 -24.02 -28.64
CA GLY C 192 28.04 -23.15 -27.49
C GLY C 192 28.25 -21.68 -27.75
N LYS C 193 28.61 -21.27 -28.95
CA LYS C 193 28.75 -19.84 -29.13
C LYS C 193 27.66 -19.26 -30.03
N ALA C 194 26.57 -20.00 -30.23
CA ALA C 194 25.41 -19.44 -30.89
C ALA C 194 24.97 -18.17 -30.19
N LYS C 195 24.64 -17.17 -30.99
CA LYS C 195 24.02 -15.94 -30.52
C LYS C 195 22.55 -16.18 -30.19
N LEU C 196 21.88 -16.99 -30.98
CA LEU C 196 20.49 -17.34 -30.76
C LEU C 196 20.26 -18.83 -30.99
N VAL C 197 19.35 -19.39 -30.21
CA VAL C 197 18.88 -20.76 -30.37
C VAL C 197 17.35 -20.72 -30.48
N VAL C 198 16.82 -21.30 -31.56
CA VAL C 198 15.39 -21.31 -31.90
C VAL C 198 14.86 -22.71 -31.68
N PRO C 199 14.06 -22.94 -30.64
CA PRO C 199 13.38 -24.22 -30.45
C PRO C 199 12.10 -24.28 -31.28
N SER C 200 11.67 -25.51 -31.57
CA SER C 200 10.38 -25.69 -32.26
C SER C 200 9.21 -25.22 -31.43
N HIS C 201 9.24 -25.50 -30.11
CA HIS C 201 8.02 -25.45 -29.31
C HIS C 201 8.13 -24.55 -28.08
N SER C 202 9.09 -23.64 -28.08
CA SER C 202 9.24 -22.64 -27.03
C SER C 202 10.00 -21.49 -27.68
N GLU C 203 10.15 -20.37 -26.96
CA GLU C 203 10.62 -19.17 -27.64
C GLU C 203 12.14 -19.12 -27.78
N VAL C 204 12.57 -18.18 -28.63
CA VAL C 204 13.95 -17.98 -28.98
C VAL C 204 14.74 -17.61 -27.72
N GLY C 205 15.89 -18.24 -27.54
CA GLY C 205 16.75 -17.82 -26.46
C GLY C 205 18.17 -17.78 -26.94
N ASP C 206 19.10 -17.77 -26.00
CA ASP C 206 20.50 -17.70 -26.35
C ASP C 206 21.10 -19.08 -26.12
N ALA C 207 22.42 -19.15 -26.15
CA ALA C 207 22.99 -20.49 -26.12
C ALA C 207 22.70 -21.24 -24.80
N SER C 208 22.22 -20.56 -23.74
CA SER C 208 21.72 -21.22 -22.52
C SER C 208 20.83 -22.42 -22.79
N LEU C 209 20.07 -22.33 -23.88
CA LEU C 209 19.09 -23.36 -24.17
C LEU C 209 19.76 -24.69 -24.46
N LEU C 210 21.01 -24.66 -24.95
CA LEU C 210 21.79 -25.88 -25.11
C LEU C 210 22.00 -26.55 -23.77
N LYS C 211 22.41 -25.78 -22.77
CA LYS C 211 22.63 -26.33 -21.45
C LYS C 211 21.34 -26.88 -20.84
N LEU C 212 20.27 -26.08 -20.89
CA LEU C 212 18.96 -26.51 -20.40
C LEU C 212 18.53 -27.84 -21.05
N THR C 213 18.76 -28.00 -22.36
CA THR C 213 18.34 -29.23 -23.02
C THR C 213 19.10 -30.43 -22.48
N LEU C 214 20.41 -30.28 -22.35
CA LEU C 214 21.24 -31.34 -21.77
C LEU C 214 20.71 -31.73 -20.39
N GLU C 215 20.42 -30.75 -19.55
CA GLU C 215 19.94 -31.03 -18.22
C GLU C 215 18.63 -31.82 -18.28
N GLN C 216 17.68 -31.35 -19.08
CA GLN C 216 16.41 -32.05 -19.29
C GLN C 216 16.64 -33.46 -19.87
N ALA C 217 17.54 -33.63 -20.84
CA ALA C 217 17.80 -34.98 -21.35
C ALA C 217 18.27 -35.91 -20.25
N VAL C 218 19.25 -35.48 -19.48
CA VAL C 218 19.77 -36.33 -18.42
C VAL C 218 18.69 -36.65 -17.39
N LYS C 219 17.91 -35.65 -16.99
CA LYS C 219 16.88 -35.90 -16.00
C LYS C 219 15.78 -36.80 -16.58
N GLY C 220 15.38 -36.59 -17.83
CA GLY C 220 14.45 -37.54 -18.46
C GLY C 220 14.98 -38.96 -18.47
N LEU C 221 16.25 -39.16 -18.83
CA LEU C 221 16.77 -40.50 -18.78
C LEU C 221 16.66 -41.07 -17.37
N ASN C 222 17.13 -40.32 -16.37
CA ASN C 222 17.04 -40.76 -14.98
C ASN C 222 15.63 -41.16 -14.58
N GLU C 223 14.63 -40.33 -14.89
CA GLU C 223 13.24 -40.63 -14.53
C GLU C 223 12.75 -41.88 -15.23
N SER C 224 12.98 -41.96 -16.53
CA SER C 224 12.53 -43.17 -17.19
C SER C 224 13.24 -44.38 -16.60
N LYS C 225 14.47 -44.22 -16.02
CA LYS C 225 15.21 -45.37 -15.48
C LYS C 225 14.83 -45.84 -14.07
N LYS C 226 14.35 -44.96 -13.09
CA LYS C 226 13.93 -45.44 -11.76
C LYS C 226 13.10 -46.70 -11.88
N PRO C 227 13.08 -47.64 -10.93
CA PRO C 227 12.11 -48.73 -11.12
C PRO C 227 10.68 -48.37 -10.63
N SER C 228 10.48 -47.26 -9.90
CA SER C 228 9.18 -46.56 -9.74
C SER C 228 9.47 -45.15 -9.10
N LEU D 8 2.71 14.16 40.45
CA LEU D 8 1.66 15.16 40.67
C LEU D 8 2.04 16.49 40.01
N PRO D 9 1.60 16.61 38.77
CA PRO D 9 2.28 17.47 37.80
C PRO D 9 2.26 18.90 38.28
N ASP D 10 3.32 19.62 37.96
CA ASP D 10 3.47 20.97 38.45
C ASP D 10 2.21 21.79 38.14
N LEU D 11 1.89 22.79 38.96
CA LEU D 11 1.05 23.85 38.43
C LEU D 11 1.61 24.25 37.08
N LYS D 12 0.75 24.61 36.11
CA LYS D 12 1.12 24.87 34.70
C LYS D 12 0.50 26.23 34.33
N ILE D 13 1.12 27.00 33.42
CA ILE D 13 0.76 28.39 33.13
C ILE D 13 1.13 28.68 31.68
N GLU D 14 0.27 29.38 30.90
CA GLU D 14 0.48 29.39 29.44
C GLU D 14 -0.34 30.47 28.72
N LYS D 15 0.33 31.39 27.98
CA LYS D 15 -0.35 32.55 27.38
C LYS D 15 -1.49 32.03 26.53
N LEU D 16 -2.58 32.76 26.46
CA LEU D 16 -3.72 32.09 25.85
C LEU D 16 -4.23 32.86 24.65
N ASP D 17 -4.52 34.10 24.90
CA ASP D 17 -4.66 35.18 23.98
C ASP D 17 -3.70 36.08 24.67
N GLU D 18 -3.76 37.32 24.33
CA GLU D 18 -2.73 38.28 24.62
C GLU D 18 -3.18 38.98 25.89
N GLY D 19 -2.45 38.74 26.97
CA GLY D 19 -2.80 39.37 28.22
C GLY D 19 -3.79 38.59 29.05
N VAL D 20 -3.84 37.29 28.85
CA VAL D 20 -4.79 36.35 29.42
C VAL D 20 -4.01 35.03 29.48
N TYR D 21 -3.64 34.58 30.68
CA TYR D 21 -2.98 33.28 30.86
C TYR D 21 -4.05 32.32 31.41
N VAL D 22 -3.68 31.03 31.39
CA VAL D 22 -4.46 29.93 31.99
C VAL D 22 -3.55 29.25 33.01
N HIS D 23 -3.86 29.31 34.30
CA HIS D 23 -3.14 28.42 35.20
C HIS D 23 -3.87 27.10 35.16
N THR D 24 -3.12 26.02 35.24
CA THR D 24 -3.75 24.74 35.48
C THR D 24 -3.10 24.14 36.72
N SER D 25 -3.90 23.52 37.57
CA SER D 25 -3.35 22.80 38.69
C SER D 25 -4.13 21.49 38.74
N PHE D 26 -3.71 20.53 39.56
CA PHE D 26 -4.19 19.16 39.37
C PHE D 26 -4.49 18.56 40.73
N GLU D 27 -5.41 17.60 40.85
CA GLU D 27 -5.38 16.91 42.15
C GLU D 27 -5.97 15.51 42.11
N GLU D 28 -5.52 14.70 43.09
CA GLU D 28 -5.95 13.31 43.18
C GLU D 28 -7.42 13.19 43.58
N VAL D 29 -8.21 12.43 42.70
CA VAL D 29 -9.53 11.84 42.98
C VAL D 29 -9.38 10.35 43.25
N ASN D 30 -10.35 9.88 44.01
CA ASN D 30 -11.01 8.57 44.01
C ASN D 30 -11.34 8.16 42.58
N GLY D 31 -10.47 7.35 41.93
CA GLY D 31 -9.17 6.87 42.48
C GLY D 31 -8.27 5.81 41.78
N TRP D 32 -6.98 6.03 41.46
CA TRP D 32 -5.99 6.96 41.97
C TRP D 32 -5.32 7.70 40.77
N GLY D 33 -6.18 8.35 39.96
CA GLY D 33 -5.85 9.32 38.93
C GLY D 33 -6.40 10.76 39.10
N VAL D 34 -6.06 11.58 38.12
CA VAL D 34 -5.79 13.01 38.33
C VAL D 34 -6.57 13.90 37.33
N VAL D 35 -7.39 14.81 37.88
CA VAL D 35 -8.18 15.81 37.14
C VAL D 35 -7.45 17.15 37.17
N PRO D 36 -7.27 17.79 36.03
CA PRO D 36 -6.84 19.20 36.00
C PRO D 36 -7.99 20.14 36.33
N LYS D 37 -7.64 21.43 36.43
CA LYS D 37 -8.50 22.56 36.78
C LYS D 37 -7.79 23.79 36.24
N HIS D 38 -8.44 24.48 35.31
CA HIS D 38 -7.95 25.71 34.72
C HIS D 38 -8.53 26.91 35.43
N GLY D 39 -7.71 27.91 35.55
CA GLY D 39 -8.14 29.22 35.91
C GLY D 39 -7.48 30.19 34.95
N LEU D 40 -7.79 31.45 35.11
CA LEU D 40 -7.13 32.44 34.29
C LEU D 40 -6.37 33.39 35.19
N VAL D 41 -5.35 34.02 34.61
CA VAL D 41 -4.84 35.30 35.12
C VAL D 41 -5.00 36.34 34.01
N VAL D 42 -5.54 37.50 34.34
CA VAL D 42 -5.81 38.57 33.37
C VAL D 42 -4.97 39.79 33.71
N LEU D 43 -4.45 40.51 32.72
CA LEU D 43 -3.67 41.71 33.05
C LEU D 43 -4.22 43.00 32.44
N VAL D 44 -4.24 44.02 33.26
CA VAL D 44 -5.06 45.17 32.98
C VAL D 44 -4.36 46.34 33.67
N ASN D 45 -3.96 47.27 32.84
CA ASN D 45 -2.58 47.76 32.66
C ASN D 45 -1.44 46.72 33.01
N ALA D 46 -0.62 46.99 34.02
CA ALA D 46 0.35 46.03 34.52
C ALA D 46 -0.03 45.47 35.89
N GLU D 47 -1.31 45.62 36.29
CA GLU D 47 -2.05 44.94 37.37
C GLU D 47 -2.52 43.52 36.93
N ALA D 48 -2.46 42.44 37.80
CA ALA D 48 -2.89 41.04 37.55
C ALA D 48 -4.08 40.59 38.40
N TYR D 49 -5.14 40.11 37.76
CA TYR D 49 -6.27 39.49 38.47
C TYR D 49 -6.33 37.99 38.26
N LEU D 50 -6.46 37.23 39.34
CA LEU D 50 -6.83 35.82 39.22
C LEU D 50 -8.29 35.62 38.96
N ILE D 51 -8.59 34.87 37.92
CA ILE D 51 -9.90 34.25 37.73
C ILE D 51 -9.81 32.80 38.21
N ASP D 52 -10.40 32.51 39.39
CA ASP D 52 -10.25 31.31 40.22
C ASP D 52 -8.87 31.21 40.87
N THR D 53 -8.82 30.58 42.05
CA THR D 53 -7.55 30.23 42.65
C THR D 53 -7.25 28.75 42.35
N PRO D 54 -5.97 28.41 42.24
CA PRO D 54 -5.56 27.02 42.34
C PRO D 54 -6.29 26.28 43.47
N PHE D 55 -6.25 24.93 43.39
CA PHE D 55 -6.75 24.10 44.48
C PHE D 55 -6.18 24.49 45.84
N THR D 56 -4.93 24.99 45.88
CA THR D 56 -4.09 24.96 47.09
C THR D 56 -3.36 26.29 47.30
N ALA D 57 -2.99 26.54 48.55
CA ALA D 57 -2.26 27.76 48.95
C ALA D 57 -0.88 27.82 48.27
N LYS D 58 -0.18 26.68 48.22
CA LYS D 58 1.07 26.48 47.51
C LYS D 58 1.00 26.95 46.07
N ASP D 59 0.12 26.33 45.30
CA ASP D 59 -0.01 26.71 43.92
C ASP D 59 -0.39 28.17 43.83
N THR D 60 -1.27 28.63 44.72
CA THR D 60 -1.73 30.01 44.68
C THR D 60 -0.55 30.94 44.87
N GLU D 61 0.32 30.64 45.86
CA GLU D 61 1.57 31.35 46.06
C GLU D 61 2.45 31.22 44.83
N LYS D 62 2.51 30.04 44.23
CA LYS D 62 3.32 29.84 43.03
C LYS D 62 2.91 30.81 41.93
N LEU D 63 1.60 30.88 41.69
CA LEU D 63 1.04 31.63 40.57
C LEU D 63 1.24 33.12 40.78
N VAL D 64 0.92 33.61 41.98
CA VAL D 64 1.18 34.97 42.38
C VAL D 64 2.67 35.30 42.23
N THR D 65 3.52 34.41 42.74
CA THR D 65 4.96 34.64 42.68
C THR D 65 5.41 34.87 41.25
N TRP D 66 5.18 33.88 40.40
CA TRP D 66 5.38 33.92 38.95
C TRP D 66 4.97 35.27 38.31
N PHE D 67 3.97 36.04 38.78
CA PHE D 67 3.60 37.25 38.00
C PHE D 67 4.23 38.54 38.51
N VAL D 68 4.40 38.62 39.82
CA VAL D 68 5.16 39.65 40.49
C VAL D 68 6.66 39.47 40.20
N GLU D 69 7.18 38.24 40.47
CA GLU D 69 8.57 37.88 40.20
C GLU D 69 8.78 37.85 38.69
N ARG D 70 7.87 38.46 37.97
CA ARG D 70 8.21 38.99 36.65
C ARG D 70 7.45 40.28 36.31
N GLY D 71 7.29 41.23 37.24
CA GLY D 71 6.55 42.40 36.77
C GLY D 71 5.36 42.99 37.50
N TYR D 72 4.33 42.18 37.80
CA TYR D 72 2.94 42.62 37.83
C TYR D 72 2.39 42.63 39.26
N LYS D 73 1.62 43.63 39.64
CA LYS D 73 1.10 43.57 41.00
C LYS D 73 -0.24 42.86 40.96
N ILE D 74 -0.47 41.95 41.89
CA ILE D 74 -1.78 41.23 41.96
C ILE D 74 -2.83 42.16 42.53
N LYS D 75 -3.68 42.71 41.68
CA LYS D 75 -4.80 43.51 42.19
C LYS D 75 -5.85 42.68 42.98
N GLY D 76 -6.21 41.46 42.53
CA GLY D 76 -7.23 40.65 43.24
C GLY D 76 -7.54 39.30 42.58
N SER D 77 -8.27 38.43 43.33
CA SER D 77 -8.82 37.17 42.84
C SER D 77 -10.34 37.16 42.91
N ILE D 78 -10.94 36.41 42.02
CA ILE D 78 -12.38 36.23 42.05
C ILE D 78 -12.68 34.75 41.81
N SER D 79 -13.51 34.16 42.68
CA SER D 79 -13.81 32.73 42.56
C SER D 79 -15.16 32.50 41.93
N SER D 80 -15.21 31.53 41.03
CA SER D 80 -16.38 31.29 40.22
C SER D 80 -17.45 30.46 40.90
N HIS D 81 -17.08 29.68 41.89
CA HIS D 81 -18.09 29.07 42.72
C HIS D 81 -17.40 28.69 44.00
N PHE D 82 -18.08 27.94 44.84
CA PHE D 82 -17.50 27.79 46.17
C PHE D 82 -16.60 26.58 46.35
N HIS D 83 -16.77 25.48 45.61
CA HIS D 83 -15.89 24.31 45.62
C HIS D 83 -14.43 24.68 45.79
N SER D 84 -13.61 23.86 46.44
CA SER D 84 -12.29 24.47 46.56
C SER D 84 -11.47 24.48 45.26
N ASP D 85 -11.93 23.94 44.10
CA ASP D 85 -11.10 24.09 42.91
C ASP D 85 -11.12 25.54 42.43
N SER D 86 -11.94 26.38 43.06
CA SER D 86 -12.06 27.81 42.78
C SER D 86 -11.62 28.68 43.93
N THR D 87 -11.63 28.15 45.16
CA THR D 87 -11.52 28.97 46.36
C THR D 87 -10.40 28.53 47.28
N GLY D 88 -9.59 27.56 46.86
CA GLY D 88 -8.58 26.99 47.74
C GLY D 88 -7.54 27.99 48.19
N GLY D 89 -7.27 29.01 47.41
CA GLY D 89 -6.27 29.95 47.83
C GLY D 89 -6.74 31.20 48.56
N ILE D 90 -8.03 31.33 48.89
CA ILE D 90 -8.56 32.63 49.35
C ILE D 90 -7.90 33.02 50.66
N GLU D 91 -7.86 32.08 51.59
CA GLU D 91 -7.20 32.28 52.88
C GLU D 91 -5.78 32.77 52.71
N TRP D 92 -5.06 32.14 51.81
CA TRP D 92 -3.67 32.50 51.64
C TRP D 92 -3.57 33.90 51.09
N LEU D 93 -4.47 34.18 50.15
CA LEU D 93 -4.68 35.51 49.60
C LEU D 93 -5.05 36.53 50.67
N ASN D 94 -6.04 36.21 51.52
CA ASN D 94 -6.46 37.13 52.58
C ASN D 94 -5.29 37.44 53.47
N SER D 95 -4.73 36.40 54.02
CA SER D 95 -3.52 36.47 54.79
C SER D 95 -2.38 37.26 54.12
N ARG D 96 -2.48 37.70 52.85
CA ARG D 96 -1.54 38.68 52.31
C ARG D 96 -2.21 40.01 52.02
N SER D 97 -3.41 40.21 52.55
CA SER D 97 -4.20 41.33 52.10
C SER D 97 -4.20 41.48 50.59
N ILE D 98 -4.25 40.42 49.79
CA ILE D 98 -4.70 40.77 48.44
C ILE D 98 -6.21 40.57 48.46
N PRO D 99 -6.98 41.54 47.96
CA PRO D 99 -8.45 41.41 47.91
C PRO D 99 -8.91 40.11 47.28
N THR D 100 -9.90 39.47 47.88
CA THR D 100 -10.56 38.33 47.27
C THR D 100 -12.04 38.63 47.08
N TYR D 101 -12.58 38.14 45.97
CA TYR D 101 -13.95 38.40 45.59
C TYR D 101 -14.71 37.12 45.36
N ALA D 102 -16.01 37.18 45.66
CA ALA D 102 -16.88 36.05 45.51
C ALA D 102 -18.31 36.56 45.52
N SER D 103 -19.20 35.87 44.81
CA SER D 103 -20.59 36.29 44.92
C SER D 103 -21.05 36.25 46.36
N GLU D 104 -22.13 36.98 46.64
CA GLU D 104 -22.70 36.90 47.97
C GLU D 104 -23.17 35.47 48.27
N LEU D 105 -23.76 34.81 47.27
CA LEU D 105 -24.17 33.41 47.43
C LEU D 105 -22.97 32.49 47.59
N THR D 106 -21.86 32.77 46.90
CA THR D 106 -20.65 31.98 47.10
C THR D 106 -20.14 32.06 48.54
N ASN D 107 -20.09 33.25 49.11
CA ASN D 107 -19.63 33.40 50.50
C ASN D 107 -20.60 32.74 51.47
N GLU D 108 -21.91 32.89 51.22
CA GLU D 108 -22.86 32.15 52.02
C GLU D 108 -22.52 30.65 51.99
N LEU D 109 -22.25 30.10 50.81
CA LEU D 109 -21.90 28.68 50.71
C LEU D 109 -20.54 28.38 51.31
N LEU D 110 -19.57 29.25 51.14
CA LEU D 110 -18.32 29.01 51.83
C LEU D 110 -18.54 28.91 53.33
N LYS D 111 -19.39 29.76 53.89
CA LYS D 111 -19.39 29.81 55.35
C LYS D 111 -20.14 28.65 55.98
N LYS D 112 -21.29 28.27 55.40
CA LYS D 112 -21.94 27.04 55.87
C LYS D 112 -21.05 25.84 55.69
N ASP D 113 -20.07 25.91 54.81
CA ASP D 113 -19.16 24.79 54.71
C ASP D 113 -17.98 24.86 55.67
N GLY D 114 -17.85 25.89 56.49
CA GLY D 114 -16.72 25.94 57.40
C GLY D 114 -15.50 26.54 56.77
N LYS D 115 -15.64 27.11 55.60
CA LYS D 115 -14.50 27.61 54.89
C LYS D 115 -14.45 29.14 54.97
N VAL D 116 -13.23 29.62 54.77
CA VAL D 116 -12.91 31.04 54.82
C VAL D 116 -13.49 31.76 53.62
N GLN D 117 -13.96 32.98 53.84
CA GLN D 117 -14.72 33.72 52.84
C GLN D 117 -13.85 34.73 52.08
N ALA D 118 -14.33 35.12 50.90
CA ALA D 118 -13.74 36.29 50.23
C ALA D 118 -14.05 37.56 50.98
N THR D 119 -13.06 38.45 51.05
CA THR D 119 -13.29 39.69 51.78
C THR D 119 -14.20 40.68 51.06
N ASN D 120 -14.53 40.48 49.78
CA ASN D 120 -15.33 41.42 49.01
C ASN D 120 -16.45 40.67 48.32
N SER D 121 -17.69 40.98 48.64
CA SER D 121 -18.73 40.24 47.94
C SER D 121 -19.44 41.15 46.96
N PHE D 122 -20.09 40.55 45.98
CA PHE D 122 -20.97 41.27 45.06
C PHE D 122 -22.28 40.52 45.02
N SER D 123 -23.37 41.27 44.94
CA SER D 123 -24.68 40.67 44.85
C SER D 123 -25.16 40.84 43.45
N GLY D 124 -26.18 40.12 43.10
CA GLY D 124 -26.75 40.54 41.83
C GLY D 124 -26.17 39.73 40.70
N VAL D 125 -26.67 40.07 39.52
CA VAL D 125 -26.53 39.21 38.37
C VAL D 125 -25.33 39.58 37.51
N ASN D 126 -24.86 40.81 37.62
CA ASN D 126 -23.71 41.29 36.89
C ASN D 126 -22.84 42.03 37.88
N TYR D 127 -21.58 42.10 37.55
CA TYR D 127 -20.65 42.77 38.42
C TYR D 127 -19.47 43.09 37.58
N TRP D 128 -19.05 44.37 37.42
CA TRP D 128 -17.82 44.62 36.72
C TRP D 128 -16.82 44.49 37.73
N LEU D 129 -15.77 43.66 37.51
CA LEU D 129 -14.69 43.75 38.40
C LEU D 129 -13.78 44.87 37.92
N VAL D 130 -13.64 44.97 36.61
CA VAL D 130 -13.23 46.20 35.99
C VAL D 130 -13.94 46.42 34.66
N LYS D 131 -14.58 47.56 34.56
CA LYS D 131 -15.37 47.93 33.42
C LYS D 131 -14.64 47.76 32.11
N ASN D 132 -15.39 47.26 31.12
CA ASN D 132 -14.97 46.98 29.75
C ASN D 132 -13.72 46.18 29.70
N LYS D 133 -13.38 45.58 30.84
CA LYS D 133 -12.31 44.62 30.90
C LYS D 133 -12.78 43.29 31.49
N ILE D 134 -13.20 43.23 32.75
CA ILE D 134 -13.54 41.94 33.39
C ILE D 134 -14.94 41.98 33.97
N GLU D 135 -15.85 41.18 33.42
CA GLU D 135 -17.23 41.19 33.91
C GLU D 135 -17.59 39.84 34.50
N VAL D 136 -18.41 39.88 35.53
CA VAL D 136 -18.92 38.64 36.09
C VAL D 136 -20.40 38.57 35.82
N PHE D 137 -20.87 37.35 35.53
CA PHE D 137 -22.25 37.18 35.14
C PHE D 137 -22.78 35.90 35.73
N TYR D 138 -24.05 35.91 36.07
CA TYR D 138 -24.69 34.79 36.76
C TYR D 138 -25.83 34.25 35.92
N PRO D 139 -25.63 33.05 35.34
CA PRO D 139 -26.56 32.45 34.36
C PRO D 139 -27.77 31.88 35.06
N GLY D 140 -27.55 31.52 36.31
CA GLY D 140 -28.47 30.68 37.00
C GLY D 140 -27.77 29.44 37.52
N PRO D 141 -28.48 28.76 38.41
CA PRO D 141 -27.95 27.52 39.01
C PRO D 141 -27.57 26.49 37.96
N GLY D 142 -26.47 25.76 38.19
CA GLY D 142 -26.12 24.63 37.35
C GLY D 142 -25.34 23.59 38.10
N HIS D 143 -24.04 23.48 37.77
CA HIS D 143 -23.05 22.75 38.55
C HIS D 143 -23.23 23.04 40.04
N THR D 144 -23.50 24.29 40.43
CA THR D 144 -23.82 24.66 41.81
C THR D 144 -24.81 25.82 41.79
N PRO D 145 -25.47 26.12 42.93
CA PRO D 145 -26.39 27.28 42.97
C PRO D 145 -25.69 28.56 42.60
N ASP D 146 -24.43 28.71 42.98
CA ASP D 146 -23.77 29.99 42.96
C ASP D 146 -22.91 30.21 41.74
N ASN D 147 -22.88 29.31 40.77
CA ASN D 147 -21.80 29.40 39.79
C ASN D 147 -21.95 30.63 38.90
N VAL D 148 -20.83 31.33 38.71
CA VAL D 148 -20.74 32.51 37.85
C VAL D 148 -19.68 32.26 36.78
N VAL D 149 -19.77 33.03 35.69
CA VAL D 149 -18.80 33.04 34.60
C VAL D 149 -18.12 34.41 34.60
N VAL D 150 -17.05 34.52 33.81
CA VAL D 150 -16.22 35.71 33.76
C VAL D 150 -15.95 35.96 32.29
N TRP D 151 -16.32 37.14 31.84
CA TRP D 151 -16.28 37.49 30.44
C TRP D 151 -15.28 38.62 30.29
N LEU D 152 -14.44 38.50 29.26
CA LEU D 152 -13.37 39.43 28.95
C LEU D 152 -13.74 40.14 27.67
N PRO D 153 -14.47 41.25 27.73
CA PRO D 153 -15.00 41.81 26.49
C PRO D 153 -13.93 42.16 25.48
N GLU D 154 -12.85 42.86 25.86
CA GLU D 154 -11.94 43.18 24.77
C GLU D 154 -11.39 41.92 24.11
N ARG D 155 -11.25 40.79 24.81
CA ARG D 155 -10.81 39.67 23.96
C ARG D 155 -11.88 38.65 23.55
N LYS D 156 -13.16 38.84 23.88
CA LYS D 156 -14.24 37.85 23.59
C LYS D 156 -13.94 36.43 24.08
N ILE D 157 -13.44 36.39 25.29
CA ILE D 157 -13.15 35.16 26.00
C ILE D 157 -14.03 35.02 27.22
N LEU D 158 -14.58 33.82 27.39
CA LEU D 158 -15.45 33.49 28.50
C LEU D 158 -14.85 32.34 29.30
N PHE D 159 -14.48 32.61 30.55
CA PHE D 159 -14.15 31.56 31.51
C PHE D 159 -15.45 30.98 32.02
N GLY D 160 -15.76 29.74 31.66
CA GLY D 160 -17.06 29.28 32.09
C GLY D 160 -16.97 28.47 33.37
N GLY D 161 -15.75 28.16 33.79
CA GLY D 161 -15.58 27.46 35.04
C GLY D 161 -16.22 26.07 35.02
N CYS D 162 -16.66 25.63 36.19
CA CYS D 162 -17.24 24.29 36.26
C CYS D 162 -18.68 24.27 35.81
N PHE D 163 -19.22 25.39 35.35
CA PHE D 163 -20.53 25.34 34.72
C PHE D 163 -20.47 24.67 33.36
N ILE D 164 -19.38 24.86 32.63
CA ILE D 164 -19.24 24.42 31.26
C ILE D 164 -18.79 22.95 31.29
N LYS D 165 -19.65 22.07 30.77
CA LYS D 165 -19.56 20.63 31.04
C LYS D 165 -19.84 19.92 29.72
N PRO D 166 -18.94 20.02 28.72
CA PRO D 166 -19.27 19.50 27.39
C PRO D 166 -19.53 18.02 27.35
N TYR D 167 -18.77 17.28 28.13
CA TYR D 167 -18.76 15.83 28.05
C TYR D 167 -19.18 15.28 29.38
N GLY D 168 -20.37 15.68 29.83
CA GLY D 168 -21.16 15.20 30.94
C GLY D 168 -21.04 16.09 32.17
N LEU D 169 -22.03 15.97 33.07
CA LEU D 169 -22.25 16.99 34.09
C LEU D 169 -21.29 16.93 35.28
N GLY D 170 -20.34 15.99 35.29
CA GLY D 170 -19.33 15.97 36.34
C GLY D 170 -19.96 15.60 37.67
N ASN D 171 -19.26 15.94 38.76
CA ASN D 171 -19.85 15.69 40.07
C ASN D 171 -21.13 16.46 40.26
N LEU D 172 -22.20 15.78 40.62
CA LEU D 172 -23.40 16.57 40.78
C LEU D 172 -23.89 16.68 42.22
N GLY D 173 -23.04 16.54 43.24
CA GLY D 173 -23.59 16.57 44.58
C GLY D 173 -24.29 17.87 44.87
N ASP D 174 -23.73 18.97 44.42
CA ASP D 174 -24.33 20.26 44.63
C ASP D 174 -25.08 20.78 43.42
N ALA D 175 -25.28 19.96 42.39
CA ALA D 175 -25.88 20.61 41.23
C ALA D 175 -27.38 20.80 41.45
N ASN D 176 -27.98 21.58 40.55
CA ASN D 176 -29.42 21.76 40.34
C ASN D 176 -29.69 21.29 38.92
N ILE D 177 -29.96 20.00 38.72
CA ILE D 177 -30.14 19.51 37.35
C ILE D 177 -31.47 19.99 36.74
N GLU D 178 -32.49 20.34 37.55
CA GLU D 178 -33.64 20.90 36.83
C GLU D 178 -33.35 22.35 36.42
N ALA D 179 -32.48 23.13 37.09
CA ALA D 179 -32.31 24.51 36.58
C ALA D 179 -31.24 24.65 35.46
N TRP D 180 -30.24 23.77 35.39
CA TRP D 180 -29.09 23.91 34.49
C TRP D 180 -29.46 24.09 33.02
N PRO D 181 -30.31 23.25 32.41
CA PRO D 181 -30.66 23.48 31.00
C PRO D 181 -31.10 24.91 30.81
N LYS D 182 -31.98 25.41 31.68
CA LYS D 182 -32.44 26.76 31.43
C LYS D 182 -31.32 27.76 31.68
N SER D 183 -30.42 27.52 32.64
CA SER D 183 -29.29 28.45 32.74
C SER D 183 -28.33 28.31 31.57
N ALA D 184 -28.15 27.10 31.02
CA ALA D 184 -27.23 26.99 29.89
C ALA D 184 -27.80 27.68 28.64
N LYS D 185 -29.12 27.55 28.35
CA LYS D 185 -29.72 28.31 27.25
C LYS D 185 -29.44 29.79 27.44
N LEU D 186 -29.63 30.32 28.67
CA LEU D 186 -29.29 31.73 28.92
C LEU D 186 -27.82 31.99 28.63
N LEU D 187 -26.91 31.19 29.16
CA LEU D 187 -25.51 31.52 28.88
C LEU D 187 -25.22 31.46 27.38
N LYS D 188 -25.66 30.41 26.69
CA LYS D 188 -25.39 30.28 25.26
C LYS D 188 -25.98 31.45 24.50
N SER D 189 -27.19 31.86 24.89
CA SER D 189 -27.79 32.99 24.22
C SER D 189 -27.04 34.30 24.53
N LYS D 190 -26.47 34.48 25.73
CA LYS D 190 -25.78 35.76 25.97
C LYS D 190 -24.36 35.78 25.35
N TYR D 191 -23.64 34.65 25.29
CA TYR D 191 -22.20 34.65 24.91
C TYR D 191 -21.91 33.85 23.65
N GLY D 192 -22.93 33.58 22.85
CA GLY D 192 -22.83 32.81 21.62
C GLY D 192 -21.71 33.17 20.68
N LYS D 193 -21.29 34.43 20.65
CA LYS D 193 -20.24 34.82 19.73
C LYS D 193 -18.93 35.11 20.50
N ALA D 194 -18.78 34.47 21.67
CA ALA D 194 -17.48 34.24 22.29
C ALA D 194 -16.46 33.65 21.33
N LYS D 195 -15.31 34.31 21.21
CA LYS D 195 -14.15 33.76 20.54
C LYS D 195 -13.66 32.39 21.21
N LEU D 196 -13.27 32.44 22.49
CA LEU D 196 -12.91 31.19 23.24
C LEU D 196 -13.81 30.95 24.44
N VAL D 197 -13.89 29.70 24.86
CA VAL D 197 -14.59 29.38 26.09
C VAL D 197 -13.71 28.45 26.90
N VAL D 198 -13.41 28.81 28.14
CA VAL D 198 -12.50 28.02 28.96
C VAL D 198 -13.30 27.24 29.97
N PRO D 199 -13.41 25.93 29.81
CA PRO D 199 -14.01 25.13 30.87
C PRO D 199 -13.04 24.97 32.02
N SER D 200 -13.55 24.51 33.16
CA SER D 200 -12.64 24.26 34.27
C SER D 200 -11.81 23.00 34.06
N HIS D 201 -12.40 21.91 33.50
CA HIS D 201 -11.90 20.53 33.62
C HIS D 201 -11.75 19.82 32.29
N SER D 202 -11.65 20.60 31.24
CA SER D 202 -11.46 20.12 29.91
C SER D 202 -10.90 21.31 29.21
N GLU D 203 -10.78 21.13 27.95
CA GLU D 203 -9.76 21.79 27.18
C GLU D 203 -10.46 23.00 26.63
N VAL D 204 -9.71 24.04 26.34
CA VAL D 204 -10.35 25.22 25.78
C VAL D 204 -11.15 24.83 24.58
N GLY D 205 -12.30 25.45 24.39
CA GLY D 205 -12.79 25.46 23.05
C GLY D 205 -13.33 26.78 22.53
N ASP D 206 -14.28 26.65 21.61
CA ASP D 206 -14.94 27.76 20.97
C ASP D 206 -16.40 27.88 21.52
N ALA D 207 -17.21 28.81 20.98
CA ALA D 207 -18.59 28.90 21.48
C ALA D 207 -19.38 27.58 21.38
N SER D 208 -18.93 26.57 20.61
CA SER D 208 -19.71 25.32 20.61
C SER D 208 -19.72 24.61 21.97
N LEU D 209 -18.82 24.96 22.90
CA LEU D 209 -18.91 24.45 24.26
C LEU D 209 -20.24 24.82 24.92
N LEU D 210 -20.83 25.97 24.57
CA LEU D 210 -22.10 26.36 25.18
C LEU D 210 -23.23 25.38 24.76
N LYS D 211 -23.36 25.09 23.45
CA LYS D 211 -24.23 24.02 22.91
C LYS D 211 -23.96 22.72 23.64
N LEU D 212 -22.71 22.29 23.61
CA LEU D 212 -22.36 21.02 24.22
C LEU D 212 -22.84 21.03 25.67
N THR D 213 -22.74 22.16 26.37
CA THR D 213 -23.16 22.16 27.77
C THR D 213 -24.68 22.10 27.86
N LEU D 214 -25.40 22.83 27.02
CA LEU D 214 -26.86 22.72 27.03
C LEU D 214 -27.33 21.27 26.89
N GLU D 215 -26.80 20.51 25.89
CA GLU D 215 -27.20 19.09 25.70
C GLU D 215 -26.86 18.24 26.91
N GLN D 216 -25.68 18.46 27.48
CA GLN D 216 -25.38 17.68 28.65
C GLN D 216 -26.38 18.04 29.75
N ALA D 217 -26.85 19.28 29.82
CA ALA D 217 -27.83 19.60 30.86
C ALA D 217 -29.15 18.90 30.60
N VAL D 218 -29.70 19.06 29.40
CA VAL D 218 -31.00 18.50 29.10
C VAL D 218 -30.95 16.98 29.23
N LYS D 219 -29.82 16.34 28.85
CA LYS D 219 -29.54 14.90 29.02
C LYS D 219 -29.71 14.48 30.47
N GLY D 220 -28.81 14.97 31.32
CA GLY D 220 -28.86 14.78 32.76
C GLY D 220 -30.24 14.96 33.32
N LEU D 221 -30.89 16.05 32.93
CA LEU D 221 -32.24 16.28 33.39
C LEU D 221 -33.13 15.07 33.09
N ASN D 222 -32.83 14.40 32.00
CA ASN D 222 -33.69 13.29 31.60
C ASN D 222 -33.55 12.01 32.46
N GLU D 223 -32.35 11.52 32.84
CA GLU D 223 -32.37 10.19 33.52
C GLU D 223 -32.87 10.30 34.96
N SER D 224 -32.51 11.39 35.62
CA SER D 224 -33.38 12.16 36.47
C SER D 224 -34.84 12.36 36.04
N LYS D 225 -35.51 11.30 35.50
CA LYS D 225 -36.95 10.96 35.66
C LYS D 225 -37.00 9.42 35.70
N LYS D 226 -36.73 8.78 34.58
CA LYS D 226 -36.31 7.39 34.35
C LYS D 226 -36.02 6.47 35.56
N PRO D 227 -37.07 5.95 36.31
CA PRO D 227 -36.98 5.05 37.49
C PRO D 227 -36.54 3.63 37.15
#